data_3L49
#
_entry.id   3L49
#
_cell.length_a   67.310
_cell.length_b   75.712
_cell.length_c   77.438
_cell.angle_alpha   106.41
_cell.angle_beta   115.49
_cell.angle_gamma   96.71
#
_symmetry.space_group_name_H-M   'P 1'
#
loop_
_entity.id
_entity.type
_entity.pdbx_description
1 polymer 'ABC sugar (Ribose) transporter, periplasmic substrate-binding subunit'
2 non-polymer 'UNKNOWN LIGAND'
3 water water
#
_entity_poly.entity_id   1
_entity_poly.type   'polypeptide(L)'
_entity_poly.pdbx_seq_one_letter_code
;MSLEGKTIGITAIGTDHDWDLKAYQAQIAEIERLGGTAIALDAGRNDQTQVSQIQTLIAQKPDAIIEQLGNLDVLNPWLQ
KINDAGIPLFTVDTATPHAINNTTSNNYSIGAELALQMVADLGGKGNVLVFNGFYSVPVCKIRYDQMKYVLEAFPDVKII
EPELRDVIPNTIQSAYSNVTDMLTKYPNEGDVGAIWACWDVPMIGATQALQAAGRTDIRTYGVDGSPEFVEMVADPESPA
GAVAAQQPSEIGKLAVQNVARHLAGQEVKPFTFAPAVLITKENEGHHHHHH
;
_entity_poly.pdbx_strand_id   A,B,C,D
#
loop_
_chem_comp.id
_chem_comp.type
_chem_comp.name
_chem_comp.formula
UNL non-polymer 'UNKNOWN LIGAND' ?
#
# COMPACT_ATOMS: atom_id res chain seq x y z
N SER A 2 -29.50 -26.63 21.35
CA SER A 2 -28.31 -26.06 20.65
C SER A 2 -28.38 -24.52 20.63
N LEU A 3 -29.58 -24.00 20.40
CA LEU A 3 -29.92 -22.61 20.66
C LEU A 3 -31.13 -22.55 21.58
N GLU A 4 -31.39 -23.66 22.27
CA GLU A 4 -32.70 -23.94 22.89
C GLU A 4 -33.25 -22.88 23.86
N GLY A 5 -32.38 -22.29 24.67
CA GLY A 5 -32.83 -21.25 25.58
C GLY A 5 -32.30 -19.89 25.18
N LYS A 6 -32.10 -19.70 23.87
CA LYS A 6 -31.40 -18.51 23.40
C LYS A 6 -32.23 -17.66 22.46
N THR A 7 -31.91 -16.37 22.44
CA THR A 7 -32.56 -15.41 21.56
C THR A 7 -31.48 -14.76 20.72
N ILE A 8 -31.64 -14.84 19.40
CA ILE A 8 -30.68 -14.26 18.47
C ILE A 8 -31.36 -13.17 17.66
N GLY A 9 -30.81 -11.96 17.73
CA GLY A 9 -31.26 -10.87 16.88
C GLY A 9 -30.60 -10.89 15.51
N ILE A 10 -31.38 -10.57 14.48
CA ILE A 10 -30.89 -10.39 13.11
C ILE A 10 -31.17 -8.94 12.68
N THR A 11 -30.14 -8.24 12.22
CA THR A 11 -30.31 -6.91 11.64
C THR A 11 -29.76 -6.84 10.20
N ALA A 12 -30.66 -6.83 9.21
CA ALA A 12 -30.30 -6.75 7.81
C ALA A 12 -30.72 -5.41 7.24
N ILE A 13 -29.99 -4.91 6.25
CA ILE A 13 -30.39 -3.63 5.65
C ILE A 13 -31.57 -3.77 4.67
N GLY A 14 -31.82 -4.98 4.18
CA GLY A 14 -32.97 -5.19 3.32
C GLY A 14 -33.25 -6.65 3.00
N THR A 15 -34.41 -6.87 2.38
CA THR A 15 -34.78 -8.15 1.79
C THR A 15 -35.38 -7.84 0.42
N ASP A 16 -35.01 -6.68 -0.12
CA ASP A 16 -35.56 -6.11 -1.34
C ASP A 16 -35.36 -6.99 -2.58
N HIS A 17 -34.30 -7.77 -2.62
CA HIS A 17 -33.93 -8.59 -3.75
CA HIS A 17 -33.93 -8.60 -3.74
C HIS A 17 -33.46 -9.89 -3.15
N ASP A 18 -33.24 -10.73 -4.14
CA ASP A 18 -33.22 -12.19 -3.99
C ASP A 18 -32.14 -12.75 -3.06
N TRP A 19 -30.93 -12.26 -3.21
CA TRP A 19 -29.82 -12.74 -2.43
C TRP A 19 -30.09 -12.40 -0.97
N ASP A 20 -30.47 -11.16 -0.73
CA ASP A 20 -30.73 -10.68 0.63
C ASP A 20 -31.84 -11.46 1.30
N LEU A 21 -32.93 -11.70 0.57
CA LEU A 21 -34.07 -12.43 1.10
C LEU A 21 -33.70 -13.86 1.45
N LYS A 22 -32.94 -14.52 0.56
CA LYS A 22 -32.42 -15.88 0.81
C LYS A 22 -31.54 -15.99 2.06
N ALA A 23 -30.64 -15.03 2.26
CA ALA A 23 -29.74 -15.04 3.42
C ALA A 23 -30.49 -14.82 4.74
N TYR A 24 -31.42 -13.86 4.69
CA TYR A 24 -32.24 -13.45 5.83
C TYR A 24 -33.16 -14.58 6.29
N GLN A 25 -33.79 -15.24 5.33
CA GLN A 25 -34.72 -16.35 5.59
C GLN A 25 -33.98 -17.56 6.15
N ALA A 26 -32.77 -17.80 5.65
CA ALA A 26 -31.92 -18.92 6.06
C ALA A 26 -31.47 -18.81 7.51
N GLN A 27 -31.17 -17.58 7.92
CA GLN A 27 -30.84 -17.27 9.31
C GLN A 27 -32.00 -17.57 10.25
N ILE A 28 -33.19 -17.06 9.92
CA ILE A 28 -34.40 -17.27 10.72
C ILE A 28 -34.68 -18.76 10.86
N ALA A 29 -34.66 -19.46 9.72
CA ALA A 29 -34.93 -20.90 9.65
C ALA A 29 -33.97 -21.73 10.49
N GLU A 30 -32.69 -21.36 10.47
CA GLU A 30 -31.65 -22.07 11.21
C GLU A 30 -31.72 -21.83 12.71
N ILE A 31 -32.03 -20.59 13.10
CA ILE A 31 -32.21 -20.24 14.51
C ILE A 31 -33.33 -21.09 15.10
N GLU A 32 -34.47 -21.10 14.44
CA GLU A 32 -35.64 -21.86 14.87
C GLU A 32 -35.41 -23.36 14.81
N ARG A 33 -34.67 -23.82 13.80
CA ARG A 33 -34.34 -25.24 13.69
C ARG A 33 -33.52 -25.74 14.88
N LEU A 34 -32.54 -24.95 15.31
CA LEU A 34 -31.69 -25.29 16.46
C LEU A 34 -32.37 -25.03 17.82
N GLY A 35 -33.63 -24.59 17.78
CA GLY A 35 -34.45 -24.46 18.98
C GLY A 35 -34.44 -23.07 19.57
N GLY A 36 -33.97 -22.10 18.79
CA GLY A 36 -33.83 -20.74 19.26
C GLY A 36 -35.00 -19.85 18.93
N THR A 37 -34.95 -18.64 19.48
CA THR A 37 -35.88 -17.59 19.16
C THR A 37 -35.13 -16.57 18.30
N ALA A 38 -35.78 -16.14 17.23
CA ALA A 38 -35.21 -15.13 16.34
C ALA A 38 -35.92 -13.80 16.52
N ILE A 39 -35.15 -12.72 16.71
CA ILE A 39 -35.70 -11.38 16.58
C ILE A 39 -35.20 -10.83 15.25
N ALA A 40 -36.06 -10.89 14.24
CA ALA A 40 -35.67 -10.56 12.88
C ALA A 40 -36.08 -9.15 12.48
N LEU A 41 -35.10 -8.28 12.27
CA LEU A 41 -35.38 -6.90 11.86
C LEU A 41 -34.82 -6.58 10.47
N ASP A 42 -35.66 -5.93 9.67
CA ASP A 42 -35.36 -5.57 8.28
C ASP A 42 -35.47 -4.05 8.14
N ALA A 43 -34.41 -3.44 7.63
CA ALA A 43 -34.32 -1.97 7.62
C ALA A 43 -35.00 -1.32 6.43
N GLY A 44 -35.42 -2.12 5.45
CA GLY A 44 -36.01 -1.62 4.22
C GLY A 44 -35.13 -0.64 3.45
N ARG A 45 -33.82 -0.94 3.40
CA ARG A 45 -32.81 -0.14 2.69
C ARG A 45 -32.61 1.29 3.22
N ASN A 46 -33.12 1.53 4.42
CA ASN A 46 -32.92 2.78 5.11
C ASN A 46 -31.87 2.58 6.19
N ASP A 47 -30.80 3.37 6.13
CA ASP A 47 -29.70 3.29 7.10
C ASP A 47 -30.12 3.69 8.51
N GLN A 48 -30.94 4.73 8.59
CA GLN A 48 -31.38 5.30 9.86
C GLN A 48 -32.32 4.35 10.59
N THR A 49 -33.11 3.59 9.83
CA THR A 49 -33.95 2.51 10.37
C THR A 49 -33.07 1.44 11.01
N GLN A 50 -32.05 1.00 10.27
CA GLN A 50 -31.12 -0.02 10.76
C GLN A 50 -30.47 0.36 12.09
N VAL A 51 -30.00 1.61 12.16
CA VAL A 51 -29.47 2.22 13.38
C VAL A 51 -30.40 2.02 14.59
N SER A 52 -31.67 2.41 14.44
CA SER A 52 -32.63 2.24 15.53
C SER A 52 -32.99 0.78 15.77
N GLN A 53 -32.96 -0.03 14.70
CA GLN A 53 -33.15 -1.47 14.83
C GLN A 53 -32.04 -2.14 15.64
N ILE A 54 -30.82 -1.62 15.49
CA ILE A 54 -29.70 -2.02 16.34
C ILE A 54 -29.95 -1.60 17.82
N GLN A 55 -30.36 -0.35 18.02
CA GLN A 55 -30.69 0.20 19.34
C GLN A 55 -31.69 -0.66 20.08
N THR A 56 -32.75 -1.04 19.36
CA THR A 56 -33.76 -1.99 19.80
C THR A 56 -33.14 -3.30 20.30
N LEU A 57 -32.28 -3.88 19.46
CA LEU A 57 -31.64 -5.16 19.75
C LEU A 57 -30.74 -5.08 20.99
N ILE A 58 -29.95 -4.00 21.07
CA ILE A 58 -29.10 -3.74 22.24
C ILE A 58 -29.93 -3.72 23.52
N ALA A 59 -31.02 -2.96 23.47
CA ALA A 59 -31.94 -2.79 24.60
C ALA A 59 -32.74 -4.06 24.92
N GLN A 60 -32.85 -4.97 23.95
CA GLN A 60 -33.55 -6.25 24.16
C GLN A 60 -32.65 -7.35 24.71
N LYS A 61 -31.34 -7.08 24.73
CA LYS A 61 -30.32 -7.99 25.27
C LYS A 61 -30.44 -9.45 24.77
N PRO A 62 -30.13 -9.70 23.48
CA PRO A 62 -30.18 -11.07 23.02
C PRO A 62 -28.87 -11.79 23.36
N ASP A 63 -28.86 -13.10 23.16
CA ASP A 63 -27.64 -13.89 23.37
C ASP A 63 -26.56 -13.60 22.31
N ALA A 64 -26.97 -13.17 21.12
CA ALA A 64 -26.06 -12.64 20.07
C ALA A 64 -26.79 -11.88 18.98
N ILE A 65 -26.05 -11.05 18.24
CA ILE A 65 -26.60 -10.31 17.09
C ILE A 65 -25.90 -10.73 15.79
N ILE A 66 -26.69 -10.99 14.75
CA ILE A 66 -26.15 -11.15 13.39
C ILE A 66 -26.50 -9.95 12.52
N GLU A 67 -25.48 -9.30 12.00
CA GLU A 67 -25.68 -8.14 11.15
C GLU A 67 -25.50 -8.56 9.68
N GLN A 68 -26.41 -8.13 8.81
CA GLN A 68 -26.29 -8.45 7.39
C GLN A 68 -26.22 -7.22 6.49
N LEU A 69 -25.11 -7.09 5.77
CA LEU A 69 -24.85 -6.03 4.77
C LEU A 69 -25.00 -4.59 5.27
N GLY A 70 -25.07 -3.65 4.34
CA GLY A 70 -25.18 -2.24 4.70
C GLY A 70 -23.86 -1.52 4.67
N ASN A 71 -23.92 -0.22 4.92
CA ASN A 71 -22.74 0.65 4.92
C ASN A 71 -22.01 0.58 6.24
N LEU A 72 -20.72 0.22 6.16
CA LEU A 72 -19.87 0.02 7.33
C LEU A 72 -19.64 1.32 8.11
N ASP A 73 -19.37 2.40 7.37
CA ASP A 73 -19.04 3.70 7.96
C ASP A 73 -20.17 4.24 8.83
N VAL A 74 -21.42 4.01 8.40
CA VAL A 74 -22.60 4.39 9.16
C VAL A 74 -22.74 3.49 10.39
N LEU A 75 -22.54 2.19 10.19
CA LEU A 75 -22.74 1.18 11.24
C LEU A 75 -21.69 1.18 12.35
N ASN A 76 -20.44 1.48 12.00
CA ASN A 76 -19.29 1.39 12.94
C ASN A 76 -19.52 1.81 14.41
N PRO A 77 -20.02 3.05 14.67
CA PRO A 77 -20.23 3.45 16.07
C PRO A 77 -21.30 2.62 16.78
N TRP A 78 -22.24 2.08 16.01
CA TRP A 78 -23.33 1.28 16.58
C TRP A 78 -22.91 -0.15 16.81
N LEU A 79 -22.02 -0.63 15.95
CA LEU A 79 -21.36 -1.92 16.12
C LEU A 79 -20.47 -1.89 17.36
N GLN A 80 -19.79 -0.77 17.57
CA GLN A 80 -19.01 -0.51 18.78
C GLN A 80 -19.86 -0.58 20.05
N LYS A 81 -21.07 -0.02 19.99
CA LYS A 81 -22.00 -0.06 21.12
C LYS A 81 -22.58 -1.46 21.43
N ILE A 82 -22.69 -2.32 20.40
CA ILE A 82 -23.01 -3.74 20.62
C ILE A 82 -21.90 -4.43 21.43
N ASN A 83 -20.64 -4.10 21.09
CA ASN A 83 -19.47 -4.59 21.83
C ASN A 83 -19.47 -4.04 23.25
N ASP A 84 -19.84 -2.76 23.39
CA ASP A 84 -19.96 -2.09 24.69
C ASP A 84 -21.01 -2.75 25.57
N ALA A 85 -22.12 -3.16 24.95
CA ALA A 85 -23.19 -3.87 25.67
C ALA A 85 -22.82 -5.30 26.05
N GLY A 86 -21.71 -5.79 25.52
CA GLY A 86 -21.23 -7.15 25.80
C GLY A 86 -22.02 -8.23 25.08
N ILE A 87 -22.57 -7.89 23.91
CA ILE A 87 -23.35 -8.83 23.12
C ILE A 87 -22.49 -9.32 21.96
N PRO A 88 -22.34 -10.65 21.82
CA PRO A 88 -21.57 -11.27 20.74
C PRO A 88 -22.09 -10.87 19.35
N LEU A 89 -21.18 -10.40 18.50
CA LEU A 89 -21.55 -9.92 17.17
C LEU A 89 -20.99 -10.82 16.05
N PHE A 90 -21.88 -11.18 15.14
CA PHE A 90 -21.57 -12.01 13.99
C PHE A 90 -22.07 -11.25 12.78
N THR A 91 -21.39 -11.39 11.65
CA THR A 91 -21.87 -10.74 10.43
C THR A 91 -22.02 -11.72 9.28
N VAL A 92 -22.93 -11.40 8.37
CA VAL A 92 -22.88 -11.96 7.04
C VAL A 92 -22.51 -10.87 6.05
N ASP A 93 -21.42 -11.12 5.32
CA ASP A 93 -20.80 -10.20 4.35
C ASP A 93 -20.10 -8.96 4.92
N THR A 94 -20.54 -8.46 6.06
CA THR A 94 -20.00 -7.23 6.62
C THR A 94 -18.66 -7.49 7.30
N ALA A 95 -17.58 -7.31 6.55
CA ALA A 95 -16.24 -7.52 7.08
C ALA A 95 -15.87 -6.41 8.05
N THR A 96 -15.92 -6.73 9.34
CA THR A 96 -15.54 -5.77 10.39
C THR A 96 -14.79 -6.43 11.55
N PRO A 97 -13.76 -5.75 12.09
CA PRO A 97 -13.10 -6.13 13.35
C PRO A 97 -14.03 -6.23 14.57
N HIS A 98 -15.18 -5.55 14.52
CA HIS A 98 -16.15 -5.58 15.61
C HIS A 98 -16.79 -6.98 15.78
N ALA A 99 -16.70 -7.82 14.75
CA ALA A 99 -17.32 -9.14 14.74
C ALA A 99 -16.39 -10.28 15.18
N ILE A 100 -16.95 -11.23 15.92
CA ILE A 100 -16.30 -12.51 16.23
C ILE A 100 -16.04 -13.30 14.93
N ASN A 101 -17.02 -13.30 14.04
CA ASN A 101 -16.99 -14.09 12.82
C ASN A 101 -17.74 -13.37 11.71
N ASN A 102 -17.21 -13.49 10.49
CA ASN A 102 -17.89 -13.02 9.31
C ASN A 102 -18.11 -14.18 8.35
N THR A 103 -19.36 -14.62 8.20
CA THR A 103 -19.70 -15.65 7.21
C THR A 103 -20.02 -14.96 5.88
N THR A 104 -19.45 -15.49 4.79
CA THR A 104 -19.43 -14.78 3.50
C THR A 104 -19.00 -15.73 2.39
N SER A 105 -18.59 -15.19 1.24
CA SER A 105 -17.95 -15.96 0.17
C SER A 105 -16.53 -15.46 -0.01
N ASN A 106 -15.76 -16.13 -0.86
CA ASN A 106 -14.41 -15.68 -1.15
C ASN A 106 -14.45 -14.62 -2.24
N ASN A 107 -14.57 -13.38 -1.80
CA ASN A 107 -14.81 -12.27 -2.72
C ASN A 107 -13.55 -11.84 -3.44
N TYR A 108 -12.41 -12.30 -2.90
CA TYR A 108 -11.09 -12.09 -3.48
C TYR A 108 -10.90 -12.92 -4.74
N SER A 109 -11.24 -14.21 -4.67
CA SER A 109 -11.22 -15.12 -5.82
C SER A 109 -12.30 -14.71 -6.80
N ILE A 110 -13.52 -14.56 -6.30
CA ILE A 110 -14.67 -14.09 -7.07
C ILE A 110 -14.33 -12.84 -7.87
N GLY A 111 -13.79 -11.82 -7.19
CA GLY A 111 -13.51 -10.54 -7.82
C GLY A 111 -12.50 -10.69 -8.92
N ALA A 112 -11.47 -11.51 -8.67
CA ALA A 112 -10.40 -11.74 -9.63
C ALA A 112 -10.88 -12.54 -10.83
N GLU A 113 -11.48 -13.71 -10.58
CA GLU A 113 -11.93 -14.62 -11.65
C GLU A 113 -12.93 -13.98 -12.61
N LEU A 114 -13.89 -13.24 -12.06
CA LEU A 114 -14.86 -12.52 -12.88
C LEU A 114 -14.15 -11.52 -13.80
N ALA A 115 -13.25 -10.72 -13.20
CA ALA A 115 -12.44 -9.76 -13.97
C ALA A 115 -11.59 -10.45 -15.03
N LEU A 116 -11.01 -11.59 -14.67
CA LEU A 116 -10.18 -12.37 -15.58
C LEU A 116 -10.99 -12.92 -16.74
N GLN A 117 -12.20 -13.39 -16.44
CA GLN A 117 -13.14 -13.85 -17.47
C GLN A 117 -13.49 -12.74 -18.48
N MET A 118 -13.73 -11.56 -17.94
CA MET A 118 -14.04 -10.37 -18.73
C MET A 118 -12.93 -10.01 -19.73
N VAL A 119 -11.68 -10.04 -19.27
CA VAL A 119 -10.55 -9.71 -20.13
C VAL A 119 -10.22 -10.84 -21.13
N ALA A 120 -10.47 -12.08 -20.70
CA ALA A 120 -10.39 -13.23 -21.62
C ALA A 120 -11.42 -13.10 -22.74
N ASP A 121 -12.67 -12.78 -22.40
CA ASP A 121 -13.73 -12.57 -23.39
C ASP A 121 -13.47 -11.36 -24.30
N LEU A 122 -12.83 -10.33 -23.74
CA LEU A 122 -12.41 -9.16 -24.52
C LEU A 122 -11.21 -9.47 -25.42
N GLY A 123 -10.47 -10.54 -25.09
CA GLY A 123 -9.25 -10.89 -25.81
C GLY A 123 -8.12 -9.91 -25.53
N GLY A 124 -8.12 -9.31 -24.33
CA GLY A 124 -7.02 -8.46 -23.89
C GLY A 124 -7.07 -7.02 -24.35
N LYS A 125 -8.15 -6.66 -25.05
CA LYS A 125 -8.32 -5.30 -25.56
C LYS A 125 -9.79 -4.88 -25.47
N GLY A 126 -10.00 -3.62 -25.08
CA GLY A 126 -11.33 -3.00 -25.10
C GLY A 126 -11.63 -2.19 -23.86
N ASN A 127 -12.69 -1.38 -23.93
CA ASN A 127 -13.06 -0.51 -22.81
C ASN A 127 -14.23 -1.04 -21.98
N VAL A 128 -14.24 -0.68 -20.69
CA VAL A 128 -15.13 -1.30 -19.71
C VAL A 128 -15.91 -0.23 -18.97
N LEU A 129 -17.24 -0.29 -19.12
CA LEU A 129 -18.16 0.53 -18.34
C LEU A 129 -18.36 -0.09 -16.95
N VAL A 130 -18.12 0.70 -15.91
CA VAL A 130 -18.14 0.20 -14.53
C VAL A 130 -19.17 0.90 -13.65
N PHE A 131 -20.04 0.12 -13.03
CA PHE A 131 -20.94 0.62 -12.01
C PHE A 131 -20.31 0.43 -10.63
N ASN A 132 -20.09 1.53 -9.93
CA ASN A 132 -19.41 1.50 -8.63
C ASN A 132 -20.10 2.38 -7.57
N GLY A 133 -21.36 2.06 -7.28
CA GLY A 133 -22.16 2.88 -6.38
C GLY A 133 -22.30 2.31 -4.98
N PHE A 134 -21.57 1.24 -4.70
CA PHE A 134 -21.72 0.51 -3.43
C PHE A 134 -20.39 0.18 -2.77
N TYR A 135 -19.37 0.99 -3.08
CA TYR A 135 -17.99 0.79 -2.59
C TYR A 135 -17.84 0.80 -1.06
N SER A 136 -18.74 1.51 -0.37
CA SER A 136 -18.79 1.51 1.09
C SER A 136 -19.30 0.20 1.71
N VAL A 137 -19.76 -0.73 0.87
CA VAL A 137 -20.09 -2.08 1.29
C VAL A 137 -18.82 -2.92 1.10
N PRO A 138 -18.30 -3.53 2.19
CA PRO A 138 -17.08 -4.34 2.22
C PRO A 138 -16.87 -5.31 1.04
N VAL A 139 -17.88 -6.12 0.71
CA VAL A 139 -17.75 -7.11 -0.38
C VAL A 139 -17.62 -6.47 -1.77
N CYS A 140 -18.26 -5.32 -1.95
CA CYS A 140 -18.17 -4.61 -3.21
C CYS A 140 -16.85 -3.85 -3.33
N LYS A 141 -16.28 -3.50 -2.18
CA LYS A 141 -14.94 -2.90 -2.09
C LYS A 141 -13.91 -3.90 -2.58
N ILE A 142 -14.03 -5.15 -2.11
CA ILE A 142 -13.14 -6.23 -2.51
C ILE A 142 -13.32 -6.54 -3.99
N ARG A 143 -14.57 -6.74 -4.42
CA ARG A 143 -14.88 -7.06 -5.81
C ARG A 143 -14.36 -6.00 -6.80
N TYR A 144 -14.49 -4.73 -6.43
CA TYR A 144 -13.96 -3.64 -7.25
C TYR A 144 -12.44 -3.61 -7.26
N ASP A 145 -11.81 -3.75 -6.09
CA ASP A 145 -10.34 -3.72 -5.97
C ASP A 145 -9.65 -4.79 -6.81
N GLN A 146 -10.20 -6.00 -6.79
CA GLN A 146 -9.65 -7.14 -7.52
C GLN A 146 -9.75 -6.94 -9.01
N MET A 147 -10.87 -6.38 -9.46
CA MET A 147 -11.09 -6.04 -10.87
C MET A 147 -10.03 -5.06 -11.33
N LYS A 148 -9.83 -4.01 -10.54
CA LYS A 148 -8.94 -2.94 -10.93
C LYS A 148 -7.48 -3.40 -10.92
N TYR A 149 -7.14 -4.23 -9.94
CA TYR A 149 -5.79 -4.82 -9.84
C TYR A 149 -5.46 -5.70 -11.06
N VAL A 150 -6.38 -6.59 -11.42
CA VAL A 150 -6.29 -7.44 -12.61
C VAL A 150 -6.13 -6.64 -13.90
N LEU A 151 -6.87 -5.53 -14.00
CA LEU A 151 -6.84 -4.69 -15.20
C LEU A 151 -5.54 -3.91 -15.39
N GLU A 152 -4.78 -3.75 -14.29
CA GLU A 152 -3.45 -3.16 -14.33
C GLU A 152 -2.51 -3.94 -15.25
N ALA A 153 -2.67 -5.27 -15.28
CA ALA A 153 -1.85 -6.15 -16.10
C ALA A 153 -2.13 -6.06 -17.61
N PHE A 154 -3.27 -5.46 -17.95
CA PHE A 154 -3.71 -5.37 -19.34
C PHE A 154 -3.87 -3.90 -19.77
N PRO A 155 -2.79 -3.32 -20.34
CA PRO A 155 -2.77 -1.89 -20.68
C PRO A 155 -3.81 -1.48 -21.73
N ASP A 156 -4.28 -2.45 -22.52
CA ASP A 156 -5.30 -2.21 -23.54
C ASP A 156 -6.73 -2.49 -23.06
N VAL A 157 -6.87 -2.85 -21.79
CA VAL A 157 -8.19 -2.97 -21.16
C VAL A 157 -8.36 -1.83 -20.17
N LYS A 158 -9.24 -0.88 -20.49
CA LYS A 158 -9.39 0.33 -19.69
C LYS A 158 -10.81 0.59 -19.18
N ILE A 159 -10.89 1.20 -18.01
CA ILE A 159 -12.15 1.61 -17.40
C ILE A 159 -12.50 3.01 -17.91
N ILE A 160 -13.68 3.16 -18.53
CA ILE A 160 -14.10 4.48 -19.01
C ILE A 160 -14.53 5.43 -17.89
N GLU A 161 -14.15 6.69 -18.05
CA GLU A 161 -14.45 7.73 -17.06
C GLU A 161 -15.71 8.48 -17.48
N PRO A 162 -16.64 8.72 -16.53
CA PRO A 162 -16.59 8.29 -15.13
C PRO A 162 -17.23 6.93 -14.90
N GLU A 163 -17.09 6.42 -13.68
CA GLU A 163 -17.80 5.22 -13.30
C GLU A 163 -19.20 5.61 -12.96
N LEU A 164 -20.15 4.76 -13.36
CA LEU A 164 -21.56 5.01 -13.12
C LEU A 164 -21.93 4.59 -11.72
N ARG A 165 -23.01 5.15 -11.19
CA ARG A 165 -23.48 4.81 -9.86
C ARG A 165 -24.72 3.93 -9.96
N ASP A 166 -24.57 2.65 -9.63
CA ASP A 166 -25.72 1.77 -9.50
C ASP A 166 -26.42 2.10 -8.18
N VAL A 167 -27.75 1.99 -8.14
CA VAL A 167 -28.54 2.49 -7.00
C VAL A 167 -29.60 1.52 -6.50
N ILE A 168 -30.11 1.79 -5.30
CA ILE A 168 -31.32 1.17 -4.75
C ILE A 168 -32.22 2.31 -4.22
N PRO A 169 -33.54 2.27 -4.52
CA PRO A 169 -34.27 1.28 -5.31
C PRO A 169 -34.31 1.66 -6.78
N ASN A 170 -35.12 0.93 -7.56
CA ASN A 170 -35.20 1.12 -9.01
C ASN A 170 -33.87 0.87 -9.70
N THR A 171 -33.24 -0.23 -9.30
CA THR A 171 -31.88 -0.60 -9.72
C THR A 171 -31.80 -0.90 -11.22
N ILE A 172 -32.69 -1.78 -11.67
CA ILE A 172 -32.70 -2.30 -13.03
C ILE A 172 -32.91 -1.21 -14.07
N GLN A 173 -33.91 -0.36 -13.83
CA GLN A 173 -34.26 0.71 -14.77
C GLN A 173 -33.25 1.83 -14.78
N SER A 174 -32.67 2.13 -13.61
CA SER A 174 -31.62 3.15 -13.52
C SER A 174 -30.37 2.69 -14.27
N ALA A 175 -30.07 1.39 -14.22
CA ALA A 175 -28.95 0.84 -14.97
C ALA A 175 -29.24 0.81 -16.48
N TYR A 176 -30.44 0.37 -16.85
CA TYR A 176 -30.92 0.38 -18.23
C TYR A 176 -30.77 1.80 -18.85
N SER A 177 -31.22 2.81 -18.10
CA SER A 177 -31.17 4.21 -18.54
C SER A 177 -29.75 4.74 -18.66
N ASN A 178 -28.89 4.36 -17.72
CA ASN A 178 -27.47 4.73 -17.76
C ASN A 178 -26.73 4.12 -18.95
N VAL A 179 -27.03 2.85 -19.24
CA VAL A 179 -26.38 2.14 -20.35
C VAL A 179 -26.82 2.75 -21.69
N THR A 180 -28.10 3.06 -21.80
CA THR A 180 -28.68 3.74 -22.97
C THR A 180 -27.99 5.09 -23.25
N ASP A 181 -27.78 5.88 -22.18
CA ASP A 181 -27.03 7.14 -22.26
C ASP A 181 -25.63 6.91 -22.82
N MET A 182 -24.97 5.87 -22.32
CA MET A 182 -23.58 5.60 -22.63
C MET A 182 -23.40 5.02 -24.03
N LEU A 183 -24.39 4.28 -24.51
CA LEU A 183 -24.42 3.79 -25.89
C LEU A 183 -24.66 4.91 -26.90
N THR A 184 -25.40 5.93 -26.47
CA THR A 184 -25.61 7.13 -27.27
C THR A 184 -24.31 7.92 -27.36
N LYS A 185 -23.63 8.06 -26.22
CA LYS A 185 -22.35 8.76 -26.15
C LYS A 185 -21.25 8.01 -26.91
N TYR A 186 -21.27 6.68 -26.84
CA TYR A 186 -20.27 5.85 -27.56
C TYR A 186 -20.93 4.86 -28.53
N PRO A 187 -21.29 5.34 -29.74
CA PRO A 187 -22.05 4.51 -30.68
C PRO A 187 -21.22 3.52 -31.50
N ASN A 188 -19.93 3.81 -31.70
CA ASN A 188 -19.09 3.05 -32.63
C ASN A 188 -18.74 1.65 -32.15
N GLU A 189 -18.49 0.76 -33.10
CA GLU A 189 -18.48 -0.70 -32.86
C GLU A 189 -17.32 -1.26 -32.03
N GLY A 190 -16.52 -0.39 -31.39
CA GLY A 190 -15.44 -0.85 -30.53
C GLY A 190 -15.16 0.03 -29.32
N ASP A 191 -16.02 1.02 -29.07
CA ASP A 191 -15.78 2.02 -28.02
C ASP A 191 -16.02 1.48 -26.62
N VAL A 192 -16.95 0.54 -26.49
CA VAL A 192 -17.24 -0.09 -25.22
C VAL A 192 -17.44 -1.58 -25.50
N GLY A 193 -16.89 -2.42 -24.63
CA GLY A 193 -16.86 -3.85 -24.90
C GLY A 193 -17.32 -4.71 -23.75
N ALA A 194 -17.43 -4.10 -22.57
CA ALA A 194 -17.83 -4.83 -21.37
C ALA A 194 -18.50 -3.92 -20.37
N ILE A 195 -19.37 -4.50 -19.54
CA ILE A 195 -19.99 -3.77 -18.44
C ILE A 195 -19.87 -4.59 -17.15
N TRP A 196 -19.41 -3.94 -16.09
CA TRP A 196 -19.14 -4.57 -14.81
C TRP A 196 -19.97 -3.95 -13.67
N ALA A 197 -20.44 -4.78 -12.74
CA ALA A 197 -20.93 -4.34 -11.42
C ALA A 197 -20.56 -5.34 -10.33
N CYS A 198 -20.57 -4.90 -9.08
CA CYS A 198 -20.21 -5.77 -7.95
C CYS A 198 -21.37 -6.68 -7.56
N TRP A 199 -22.50 -6.51 -8.24
CA TRP A 199 -23.67 -7.36 -8.04
C TRP A 199 -24.55 -7.47 -9.29
N ASP A 200 -25.40 -8.50 -9.29
CA ASP A 200 -26.24 -8.97 -10.40
C ASP A 200 -27.28 -8.01 -10.95
N VAL A 201 -28.02 -7.40 -10.02
CA VAL A 201 -29.27 -6.71 -10.30
C VAL A 201 -29.15 -5.57 -11.34
N PRO A 202 -28.15 -4.65 -11.20
CA PRO A 202 -28.00 -3.66 -12.29
C PRO A 202 -27.63 -4.26 -13.65
N MET A 203 -26.95 -5.41 -13.65
CA MET A 203 -26.57 -6.04 -14.90
C MET A 203 -27.75 -6.65 -15.65
N ILE A 204 -28.83 -6.94 -14.91
CA ILE A 204 -30.09 -7.37 -15.52
C ILE A 204 -30.64 -6.25 -16.42
N GLY A 205 -30.61 -5.03 -15.89
CA GLY A 205 -30.97 -3.85 -16.65
C GLY A 205 -30.04 -3.53 -17.81
N ALA A 206 -28.74 -3.61 -17.55
CA ALA A 206 -27.72 -3.30 -18.55
C ALA A 206 -27.83 -4.22 -19.77
N THR A 207 -28.08 -5.51 -19.50
CA THR A 207 -28.31 -6.52 -20.53
C THR A 207 -29.55 -6.21 -21.35
N GLN A 208 -30.65 -5.89 -20.67
CA GLN A 208 -31.91 -5.51 -21.33
C GLN A 208 -31.74 -4.33 -22.29
N ALA A 209 -30.97 -3.31 -21.85
CA ALA A 209 -30.66 -2.12 -22.65
C ALA A 209 -29.85 -2.44 -23.91
N LEU A 210 -28.81 -3.26 -23.77
CA LEU A 210 -27.95 -3.67 -24.90
C LEU A 210 -28.75 -4.46 -25.92
N GLN A 211 -29.61 -5.33 -25.40
CA GLN A 211 -30.52 -6.12 -26.22
C GLN A 211 -31.44 -5.22 -27.02
N ALA A 212 -32.07 -4.25 -26.35
CA ALA A 212 -32.93 -3.26 -27.01
C ALA A 212 -32.17 -2.38 -28.03
N ALA A 213 -30.87 -2.21 -27.82
CA ALA A 213 -30.03 -1.43 -28.75
C ALA A 213 -29.54 -2.28 -29.91
N GLY A 214 -29.77 -3.59 -29.83
CA GLY A 214 -29.35 -4.54 -30.86
C GLY A 214 -27.86 -4.83 -30.87
N ARG A 215 -27.17 -4.48 -29.78
CA ARG A 215 -25.72 -4.69 -29.64
C ARG A 215 -25.39 -6.09 -29.11
N THR A 216 -24.94 -6.96 -30.02
CA THR A 216 -24.49 -8.32 -29.68
C THR A 216 -23.00 -8.39 -29.31
N ASP A 217 -22.31 -7.25 -29.38
CA ASP A 217 -20.85 -7.19 -29.26
C ASP A 217 -20.32 -6.77 -27.88
N ILE A 218 -21.22 -6.47 -26.95
CA ILE A 218 -20.84 -6.09 -25.60
C ILE A 218 -21.39 -7.15 -24.63
N ARG A 219 -20.59 -7.51 -23.63
CA ARG A 219 -21.01 -8.48 -22.64
CA ARG A 219 -20.98 -8.50 -22.63
C ARG A 219 -21.06 -7.86 -21.24
N THR A 220 -21.97 -8.34 -20.40
CA THR A 220 -22.09 -7.84 -19.03
C THR A 220 -21.64 -8.87 -18.01
N TYR A 221 -21.13 -8.39 -16.87
CA TYR A 221 -20.55 -9.24 -15.84
C TYR A 221 -20.95 -8.77 -14.46
N GLY A 222 -21.40 -9.69 -13.62
CA GLY A 222 -21.80 -9.35 -12.26
C GLY A 222 -21.67 -10.51 -11.32
N VAL A 223 -22.17 -10.32 -10.10
CA VAL A 223 -21.98 -11.28 -9.01
C VAL A 223 -23.31 -11.50 -8.31
N ASP A 224 -23.64 -12.77 -8.04
CA ASP A 224 -24.65 -13.22 -7.05
C ASP A 224 -25.31 -14.52 -7.48
N GLY A 225 -25.75 -14.57 -8.72
CA GLY A 225 -26.47 -15.73 -9.23
C GLY A 225 -27.98 -15.61 -9.09
N SER A 226 -28.49 -14.38 -9.20
CA SER A 226 -29.94 -14.13 -9.21
C SER A 226 -30.54 -14.81 -10.45
N PRO A 227 -31.65 -15.56 -10.26
CA PRO A 227 -32.24 -16.43 -11.29
C PRO A 227 -32.41 -15.79 -12.67
N GLU A 228 -32.79 -14.51 -12.70
CA GLU A 228 -32.91 -13.75 -13.96
C GLU A 228 -31.57 -13.53 -14.68
N PHE A 229 -30.50 -13.26 -13.95
CA PHE A 229 -29.21 -13.07 -14.60
C PHE A 229 -28.53 -14.38 -15.05
N VAL A 230 -28.65 -15.41 -14.23
CA VAL A 230 -28.19 -16.77 -14.58
C VAL A 230 -28.81 -17.24 -15.91
N GLU A 231 -30.14 -17.14 -16.00
CA GLU A 231 -30.88 -17.48 -17.21
C GLU A 231 -30.44 -16.68 -18.45
N MET A 232 -30.11 -15.42 -18.24
CA MET A 232 -29.55 -14.54 -19.30
C MET A 232 -28.15 -15.00 -19.74
N VAL A 233 -27.32 -15.43 -18.78
CA VAL A 233 -25.99 -15.95 -19.07
C VAL A 233 -26.07 -17.25 -19.87
N ALA A 234 -27.00 -18.12 -19.49
CA ALA A 234 -27.23 -19.40 -20.16
C ALA A 234 -27.83 -19.26 -21.56
N ASP A 235 -28.55 -18.16 -21.80
CA ASP A 235 -29.13 -17.86 -23.11
C ASP A 235 -28.07 -17.35 -24.09
N PRO A 236 -27.82 -18.10 -25.18
CA PRO A 236 -26.82 -17.69 -26.18
C PRO A 236 -27.15 -16.44 -27.02
N GLU A 237 -28.40 -15.98 -26.94
CA GLU A 237 -28.84 -14.79 -27.68
C GLU A 237 -28.60 -13.54 -26.86
N SER A 238 -28.51 -13.72 -25.54
CA SER A 238 -28.38 -12.63 -24.60
C SER A 238 -26.93 -12.21 -24.42
N PRO A 239 -26.67 -10.89 -24.34
CA PRO A 239 -25.34 -10.37 -24.04
C PRO A 239 -24.87 -10.47 -22.57
N ALA A 240 -25.51 -11.28 -21.74
CA ALA A 240 -25.00 -11.51 -20.39
C ALA A 240 -23.82 -12.47 -20.46
N GLY A 241 -22.67 -12.04 -19.95
CA GLY A 241 -21.39 -12.72 -20.19
C GLY A 241 -20.90 -13.72 -19.15
N ALA A 242 -21.03 -13.38 -17.86
CA ALA A 242 -20.67 -14.28 -16.76
C ALA A 242 -21.20 -13.79 -15.42
N VAL A 243 -21.39 -14.74 -14.51
CA VAL A 243 -21.87 -14.44 -13.18
C VAL A 243 -21.16 -15.30 -12.13
N ALA A 244 -20.76 -14.68 -11.03
CA ALA A 244 -20.25 -15.40 -9.88
C ALA A 244 -21.44 -15.83 -9.00
N ALA A 245 -21.84 -17.09 -9.12
CA ALA A 245 -23.02 -17.58 -8.42
C ALA A 245 -22.72 -18.00 -6.98
N GLN A 246 -23.29 -17.27 -6.02
CA GLN A 246 -23.09 -17.50 -4.60
C GLN A 246 -24.17 -18.38 -3.98
N GLN A 247 -23.99 -18.76 -2.72
CA GLN A 247 -25.01 -19.51 -1.98
C GLN A 247 -25.50 -18.76 -0.73
N PRO A 248 -26.37 -17.73 -0.89
CA PRO A 248 -26.88 -16.97 0.26
C PRO A 248 -27.60 -17.82 1.32
N SER A 249 -28.35 -18.82 0.88
CA SER A 249 -28.99 -19.76 1.81
C SER A 249 -27.99 -20.54 2.65
N GLU A 250 -26.84 -20.88 2.06
CA GLU A 250 -25.76 -21.51 2.83
C GLU A 250 -25.09 -20.55 3.79
N ILE A 251 -24.80 -19.34 3.31
CA ILE A 251 -24.18 -18.28 4.10
C ILE A 251 -24.98 -18.00 5.38
N GLY A 252 -26.30 -17.81 5.24
CA GLY A 252 -27.16 -17.56 6.38
C GLY A 252 -27.16 -18.69 7.39
N LYS A 253 -27.27 -19.92 6.87
CA LYS A 253 -27.23 -21.14 7.67
C LYS A 253 -25.94 -21.27 8.47
N LEU A 254 -24.82 -20.98 7.82
CA LEU A 254 -23.48 -21.16 8.40
C LEU A 254 -23.17 -20.14 9.48
N ALA A 255 -23.66 -18.92 9.29
CA ALA A 255 -23.54 -17.83 10.24
C ALA A 255 -24.20 -18.16 11.58
N VAL A 256 -25.37 -18.81 11.54
CA VAL A 256 -26.11 -19.19 12.73
C VAL A 256 -25.38 -20.30 13.50
N GLN A 257 -24.72 -21.21 12.80
CA GLN A 257 -23.96 -22.22 13.53
C GLN A 257 -22.61 -21.74 14.02
N ASN A 258 -22.11 -20.64 13.47
CA ASN A 258 -21.02 -19.92 14.11
C ASN A 258 -21.46 -19.30 15.43
N VAL A 259 -22.66 -18.73 15.44
CA VAL A 259 -23.29 -18.26 16.67
C VAL A 259 -23.48 -19.42 17.67
N ALA A 260 -24.10 -20.49 17.21
CA ALA A 260 -24.39 -21.66 18.04
C ALA A 260 -23.13 -22.33 18.57
N ARG A 261 -22.04 -22.25 17.81
CA ARG A 261 -20.76 -22.84 18.20
C ARG A 261 -20.15 -22.02 19.32
N HIS A 262 -20.12 -20.70 19.12
CA HIS A 262 -19.55 -19.74 20.06
C HIS A 262 -20.23 -19.79 21.44
N LEU A 263 -21.56 -19.94 21.44
CA LEU A 263 -22.33 -19.92 22.66
C LEU A 263 -22.20 -21.22 23.44
N ALA A 264 -21.85 -22.29 22.74
CA ALA A 264 -21.53 -23.56 23.36
C ALA A 264 -20.06 -23.62 23.82
N GLY A 265 -19.41 -22.45 23.89
CA GLY A 265 -18.02 -22.33 24.34
C GLY A 265 -17.00 -22.98 23.41
N GLN A 266 -17.24 -22.91 22.11
CA GLN A 266 -16.37 -23.56 21.14
C GLN A 266 -15.63 -22.57 20.27
N GLU A 267 -14.55 -23.05 19.65
CA GLU A 267 -13.72 -22.19 18.82
C GLU A 267 -14.34 -21.95 17.46
N VAL A 268 -14.49 -20.67 17.15
CA VAL A 268 -15.05 -20.21 15.90
C VAL A 268 -13.93 -19.47 15.17
N LYS A 269 -13.79 -19.78 13.88
CA LYS A 269 -12.83 -19.09 13.01
C LYS A 269 -13.25 -17.64 12.74
N PRO A 270 -12.28 -16.75 12.46
CA PRO A 270 -12.62 -15.34 12.19
C PRO A 270 -13.51 -15.13 10.95
N PHE A 271 -13.53 -16.09 10.03
CA PHE A 271 -14.41 -16.06 8.86
C PHE A 271 -14.82 -17.47 8.41
N THR A 272 -15.92 -17.55 7.68
CA THR A 272 -16.37 -18.79 7.05
C THR A 272 -16.80 -18.47 5.63
N PHE A 273 -16.21 -19.15 4.65
CA PHE A 273 -16.63 -19.02 3.26
C PHE A 273 -17.64 -20.11 2.89
N ALA A 274 -18.69 -19.73 2.16
CA ALA A 274 -19.49 -20.68 1.39
C ALA A 274 -18.84 -20.74 0.00
N PRO A 275 -19.04 -21.85 -0.75
CA PRO A 275 -18.51 -21.90 -2.11
C PRO A 275 -19.28 -21.02 -3.08
N ALA A 276 -18.60 -20.60 -4.15
CA ALA A 276 -19.23 -19.92 -5.25
C ALA A 276 -18.60 -20.41 -6.55
N VAL A 277 -19.36 -20.39 -7.64
CA VAL A 277 -18.85 -20.81 -8.94
C VAL A 277 -18.92 -19.61 -9.89
N LEU A 278 -18.02 -19.60 -10.89
CA LEU A 278 -18.17 -18.73 -12.04
C LEU A 278 -18.98 -19.46 -13.12
N ILE A 279 -20.00 -18.80 -13.65
CA ILE A 279 -20.85 -19.36 -14.69
C ILE A 279 -20.75 -18.47 -15.93
N THR A 280 -20.25 -19.03 -17.03
CA THR A 280 -20.09 -18.27 -18.27
C THR A 280 -21.02 -18.81 -19.34
N LYS A 281 -21.00 -18.19 -20.52
CA LYS A 281 -21.87 -18.56 -21.62
C LYS A 281 -21.70 -19.99 -22.12
N GLU A 282 -20.44 -20.42 -22.31
CA GLU A 282 -20.16 -21.80 -22.72
C GLU A 282 -20.13 -22.79 -21.54
N ASN A 283 -19.51 -22.39 -20.44
CA ASN A 283 -19.56 -23.14 -19.18
C ASN A 283 -20.93 -23.04 -18.53
N SER B 2 1.41 -30.87 -35.68
CA SER B 2 0.90 -29.50 -35.96
C SER B 2 1.98 -28.43 -35.79
N LEU B 3 3.24 -28.85 -35.85
CA LEU B 3 4.38 -27.96 -35.66
C LEU B 3 5.61 -28.48 -36.42
N GLU B 4 5.38 -29.39 -37.37
CA GLU B 4 6.45 -29.91 -38.21
C GLU B 4 7.03 -28.84 -39.14
N GLY B 5 8.36 -28.84 -39.25
CA GLY B 5 9.09 -27.82 -40.00
C GLY B 5 9.30 -26.52 -39.23
N LYS B 6 8.75 -26.45 -38.01
CA LYS B 6 8.83 -25.24 -37.20
C LYS B 6 9.95 -25.34 -36.18
N THR B 7 10.51 -24.20 -35.83
CA THR B 7 11.62 -24.12 -34.88
C THR B 7 11.27 -23.11 -33.77
N ILE B 8 11.23 -23.59 -32.54
CA ILE B 8 10.79 -22.78 -31.40
C ILE B 8 11.93 -22.56 -30.41
N GLY B 9 12.28 -21.28 -30.19
CA GLY B 9 13.24 -20.89 -29.16
C GLY B 9 12.62 -20.91 -27.77
N ILE B 10 13.42 -21.27 -26.78
CA ILE B 10 13.00 -21.25 -25.37
C ILE B 10 14.10 -20.55 -24.58
N THR B 11 13.71 -19.57 -23.78
CA THR B 11 14.66 -18.90 -22.89
C THR B 11 14.15 -18.89 -21.44
N ALA B 12 14.77 -19.71 -20.60
CA ALA B 12 14.44 -19.76 -19.18
C ALA B 12 15.56 -19.09 -18.38
N ILE B 13 15.19 -18.49 -17.25
CA ILE B 13 16.16 -17.85 -16.36
C ILE B 13 17.07 -18.92 -15.73
N GLY B 14 16.53 -20.11 -15.47
CA GLY B 14 17.29 -21.18 -14.86
C GLY B 14 16.42 -22.41 -14.78
N THR B 15 17.01 -23.52 -14.33
CA THR B 15 16.30 -24.78 -14.11
C THR B 15 16.77 -25.42 -12.81
N ASP B 16 17.25 -24.60 -11.88
CA ASP B 16 17.92 -25.06 -10.66
C ASP B 16 17.00 -25.72 -9.60
N HIS B 17 15.70 -25.67 -9.81
CA HIS B 17 14.76 -26.33 -8.89
CA HIS B 17 14.77 -26.33 -8.90
C HIS B 17 13.58 -26.97 -9.63
N ASP B 18 12.82 -27.78 -8.88
CA ASP B 18 11.76 -28.65 -9.39
C ASP B 18 10.75 -28.03 -10.36
N TRP B 19 10.17 -26.90 -9.99
CA TRP B 19 9.16 -26.24 -10.82
C TRP B 19 9.71 -25.82 -12.19
N ASP B 20 10.84 -25.12 -12.17
CA ASP B 20 11.49 -24.59 -13.37
C ASP B 20 11.91 -25.67 -14.33
N LEU B 21 12.53 -26.72 -13.78
CA LEU B 21 13.00 -27.85 -14.56
C LEU B 21 11.85 -28.56 -15.24
N LYS B 22 10.79 -28.84 -14.46
CA LYS B 22 9.61 -29.54 -14.98
C LYS B 22 8.88 -28.76 -16.07
N ALA B 23 8.92 -27.43 -15.96
CA ALA B 23 8.24 -26.58 -16.93
C ALA B 23 9.05 -26.45 -18.21
N TYR B 24 10.38 -26.46 -18.06
CA TYR B 24 11.34 -26.34 -19.16
C TYR B 24 11.36 -27.62 -20.00
N GLN B 25 11.40 -28.75 -19.30
CA GLN B 25 11.39 -30.07 -19.92
C GLN B 25 10.10 -30.39 -20.65
N ALA B 26 8.98 -29.94 -20.06
CA ALA B 26 7.66 -30.13 -20.65
C ALA B 26 7.47 -29.35 -21.95
N GLN B 27 8.16 -28.23 -22.09
CA GLN B 27 8.12 -27.46 -23.31
C GLN B 27 8.89 -28.17 -24.42
N ILE B 28 10.09 -28.64 -24.08
CA ILE B 28 10.94 -29.34 -25.04
C ILE B 28 10.23 -30.63 -25.48
N ALA B 29 9.71 -31.39 -24.53
CA ALA B 29 8.98 -32.63 -24.85
C ALA B 29 7.81 -32.41 -25.80
N GLU B 30 7.04 -31.35 -25.52
CA GLU B 30 5.84 -31.05 -26.30
C GLU B 30 6.15 -30.52 -27.71
N ILE B 31 7.24 -29.74 -27.83
CA ILE B 31 7.67 -29.22 -29.14
C ILE B 31 7.96 -30.35 -30.11
N GLU B 32 8.80 -31.31 -29.71
CA GLU B 32 9.15 -32.40 -30.62
C GLU B 32 8.05 -33.44 -30.78
N ARG B 33 7.12 -33.47 -29.84
CA ARG B 33 5.94 -34.34 -29.94
C ARG B 33 5.01 -33.87 -31.04
N LEU B 34 5.05 -32.57 -31.34
CA LEU B 34 4.29 -31.99 -32.44
C LEU B 34 5.15 -31.85 -33.72
N GLY B 35 6.30 -32.52 -33.71
CA GLY B 35 7.16 -32.56 -34.89
C GLY B 35 8.07 -31.37 -35.05
N GLY B 36 8.15 -30.54 -34.03
CA GLY B 36 8.97 -29.34 -34.06
C GLY B 36 10.42 -29.61 -33.69
N THR B 37 11.23 -28.55 -33.74
CA THR B 37 12.62 -28.63 -33.31
C THR B 37 12.82 -27.59 -32.22
N ALA B 38 13.20 -28.06 -31.03
CA ALA B 38 13.32 -27.20 -29.85
C ALA B 38 14.74 -26.71 -29.70
N ILE B 39 14.90 -25.39 -29.74
CA ILE B 39 16.17 -24.80 -29.35
C ILE B 39 16.03 -24.10 -27.99
N ALA B 40 16.50 -24.78 -26.94
CA ALA B 40 16.26 -24.34 -25.58
C ALA B 40 17.53 -23.85 -24.89
N LEU B 41 17.43 -22.69 -24.26
CA LEU B 41 18.55 -22.06 -23.58
C LEU B 41 18.22 -21.78 -22.12
N ASP B 42 19.16 -22.12 -21.26
CA ASP B 42 19.01 -22.04 -19.80
C ASP B 42 20.09 -21.07 -19.34
N ALA B 43 19.67 -19.98 -18.69
CA ALA B 43 20.56 -18.89 -18.36
C ALA B 43 21.31 -19.08 -17.05
N GLY B 44 21.07 -20.22 -16.39
CA GLY B 44 21.69 -20.56 -15.11
C GLY B 44 21.56 -19.50 -14.01
N ARG B 45 20.38 -18.88 -13.94
CA ARG B 45 20.03 -17.85 -12.94
C ARG B 45 20.87 -16.57 -12.99
N ASN B 46 21.40 -16.27 -14.17
CA ASN B 46 22.11 -15.03 -14.40
C ASN B 46 21.33 -14.17 -15.38
N ASP B 47 20.98 -12.96 -14.94
CA ASP B 47 20.16 -12.04 -15.71
C ASP B 47 20.86 -11.54 -16.98
N GLN B 48 22.16 -11.30 -16.86
CA GLN B 48 22.99 -10.81 -17.97
C GLN B 48 23.21 -11.88 -19.04
N THR B 49 23.31 -13.14 -18.60
CA THR B 49 23.33 -14.31 -19.49
C THR B 49 22.03 -14.42 -20.30
N GLN B 50 20.88 -14.32 -19.63
CA GLN B 50 19.57 -14.39 -20.29
C GLN B 50 19.40 -13.34 -21.38
N VAL B 51 19.86 -12.13 -21.09
CA VAL B 51 19.88 -11.03 -22.06
C VAL B 51 20.63 -11.40 -23.35
N SER B 52 21.84 -11.94 -23.23
CA SER B 52 22.65 -12.31 -24.39
C SER B 52 22.10 -13.54 -25.13
N GLN B 53 21.55 -14.50 -24.39
CA GLN B 53 20.88 -15.67 -24.98
C GLN B 53 19.65 -15.28 -25.78
N ILE B 54 18.93 -14.24 -25.35
CA ILE B 54 17.80 -13.72 -26.11
C ILE B 54 18.28 -13.17 -27.46
N GLN B 55 19.41 -12.46 -27.43
CA GLN B 55 20.02 -11.90 -28.65
C GLN B 55 20.47 -13.00 -29.62
N THR B 56 20.94 -14.10 -29.05
CA THR B 56 21.34 -15.28 -29.80
C THR B 56 20.13 -15.93 -30.48
N LEU B 57 19.01 -16.01 -29.76
CA LEU B 57 17.76 -16.54 -30.30
C LEU B 57 17.17 -15.67 -31.41
N ILE B 58 17.31 -14.35 -31.27
CA ILE B 58 16.84 -13.39 -32.28
C ILE B 58 17.58 -13.55 -33.61
N ALA B 59 18.92 -13.67 -33.54
CA ALA B 59 19.79 -13.77 -34.72
C ALA B 59 19.51 -14.99 -35.59
N GLN B 60 18.96 -16.05 -34.99
CA GLN B 60 18.59 -17.27 -35.72
C GLN B 60 17.23 -17.21 -36.37
N LYS B 61 16.42 -16.23 -35.93
CA LYS B 61 15.03 -16.05 -36.38
C LYS B 61 14.18 -17.34 -36.35
N PRO B 62 13.84 -17.83 -35.13
CA PRO B 62 12.95 -19.00 -35.05
C PRO B 62 11.51 -18.58 -35.32
N ASP B 63 10.63 -19.56 -35.44
CA ASP B 63 9.22 -19.31 -35.71
C ASP B 63 8.50 -18.60 -34.55
N ALA B 64 8.91 -18.94 -33.32
CA ALA B 64 8.42 -18.28 -32.11
C ALA B 64 9.44 -18.44 -30.98
N ILE B 65 9.29 -17.63 -29.94
CA ILE B 65 10.11 -17.72 -28.73
C ILE B 65 9.22 -17.81 -27.49
N ILE B 66 9.46 -18.82 -26.66
CA ILE B 66 8.85 -18.89 -25.33
C ILE B 66 9.84 -18.44 -24.23
N GLU B 67 9.41 -17.50 -23.41
CA GLU B 67 10.25 -17.01 -22.32
C GLU B 67 9.67 -17.50 -21.00
N GLN B 68 10.53 -18.01 -20.11
CA GLN B 68 10.09 -18.57 -18.82
C GLN B 68 10.72 -17.87 -17.62
N LEU B 69 9.86 -17.31 -16.76
CA LEU B 69 10.23 -16.60 -15.51
C LEU B 69 11.26 -15.47 -15.65
N GLY B 70 11.86 -15.08 -14.52
CA GLY B 70 12.89 -14.04 -14.56
C GLY B 70 12.39 -12.64 -14.26
N ASN B 71 13.34 -11.70 -14.28
CA ASN B 71 13.15 -10.33 -13.87
C ASN B 71 12.67 -9.48 -15.04
N LEU B 72 11.38 -9.15 -15.02
CA LEU B 72 10.69 -8.41 -16.09
C LEU B 72 11.33 -7.05 -16.40
N ASP B 73 11.77 -6.36 -15.35
CA ASP B 73 12.43 -5.05 -15.46
C ASP B 73 13.66 -5.12 -16.34
N VAL B 74 14.51 -6.11 -16.08
CA VAL B 74 15.73 -6.35 -16.84
C VAL B 74 15.41 -6.86 -18.25
N LEU B 75 14.35 -7.66 -18.36
CA LEU B 75 13.98 -8.31 -19.62
C LEU B 75 13.29 -7.41 -20.63
N ASN B 76 12.47 -6.47 -20.13
CA ASN B 76 11.62 -5.60 -20.99
C ASN B 76 12.20 -5.08 -22.31
N PRO B 77 13.40 -4.44 -22.31
CA PRO B 77 13.91 -3.91 -23.60
C PRO B 77 14.20 -5.01 -24.64
N TRP B 78 14.55 -6.19 -24.17
CA TRP B 78 14.90 -7.29 -25.06
C TRP B 78 13.66 -8.02 -25.54
N LEU B 79 12.63 -8.05 -24.69
CA LEU B 79 11.31 -8.55 -25.08
C LEU B 79 10.70 -7.69 -26.18
N GLN B 80 10.91 -6.38 -26.06
CA GLN B 80 10.56 -5.42 -27.11
C GLN B 80 11.29 -5.73 -28.43
N LYS B 81 12.58 -6.07 -28.33
CA LYS B 81 13.38 -6.37 -29.50
C LYS B 81 12.98 -7.66 -30.23
N ILE B 82 12.39 -8.61 -29.48
CA ILE B 82 11.82 -9.82 -30.07
C ILE B 82 10.68 -9.44 -31.05
N ASN B 83 9.83 -8.50 -30.62
CA ASN B 83 8.75 -8.00 -31.46
C ASN B 83 9.23 -7.10 -32.61
N ASP B 84 10.28 -6.33 -32.34
CA ASP B 84 10.98 -5.53 -33.37
C ASP B 84 11.54 -6.40 -34.49
N ALA B 85 11.88 -7.64 -34.16
CA ALA B 85 12.40 -8.61 -35.12
C ALA B 85 11.27 -9.38 -35.84
N GLY B 86 10.03 -9.14 -35.43
CA GLY B 86 8.86 -9.78 -36.02
C GLY B 86 8.66 -11.23 -35.62
N ILE B 87 9.18 -11.61 -34.45
CA ILE B 87 9.05 -12.97 -33.92
C ILE B 87 7.98 -13.03 -32.82
N PRO B 88 6.94 -13.85 -33.03
CA PRO B 88 5.87 -14.14 -32.07
C PRO B 88 6.41 -14.56 -30.69
N LEU B 89 6.12 -13.76 -29.67
CA LEU B 89 6.57 -14.05 -28.30
C LEU B 89 5.48 -14.67 -27.44
N PHE B 90 5.83 -15.74 -26.74
CA PHE B 90 4.97 -16.38 -25.76
C PHE B 90 5.71 -16.42 -24.43
N THR B 91 4.98 -16.55 -23.34
CA THR B 91 5.61 -16.64 -22.02
C THR B 91 5.02 -17.75 -21.15
N VAL B 92 5.85 -18.29 -20.26
CA VAL B 92 5.36 -19.02 -19.11
C VAL B 92 5.68 -18.21 -17.84
N ASP B 93 4.61 -17.90 -17.10
CA ASP B 93 4.61 -17.07 -15.88
C ASP B 93 4.96 -15.57 -16.02
N THR B 94 5.72 -15.20 -17.04
CA THR B 94 6.09 -13.80 -17.22
C THR B 94 4.97 -13.00 -17.87
N ALA B 95 4.09 -12.43 -17.04
CA ALA B 95 3.00 -11.59 -17.53
C ALA B 95 3.54 -10.27 -18.08
N THR B 96 3.40 -10.11 -19.39
CA THR B 96 3.88 -8.92 -20.08
C THR B 96 3.02 -8.59 -21.29
N PRO B 97 2.77 -7.28 -21.54
CA PRO B 97 2.16 -6.80 -22.80
C PRO B 97 2.89 -7.26 -24.07
N HIS B 98 4.20 -7.55 -23.97
CA HIS B 98 5.01 -7.94 -25.13
CA HIS B 98 5.01 -7.94 -25.13
C HIS B 98 4.66 -9.33 -25.67
N ALA B 99 4.05 -10.15 -24.81
CA ALA B 99 3.69 -11.52 -25.16
C ALA B 99 2.29 -11.62 -25.76
N ILE B 100 2.11 -12.58 -26.66
CA ILE B 100 0.81 -12.87 -27.26
C ILE B 100 -0.06 -13.64 -26.27
N ASN B 101 0.56 -14.59 -25.58
CA ASN B 101 -0.13 -15.42 -24.60
C ASN B 101 0.81 -15.72 -23.44
N ASN B 102 0.26 -15.70 -22.24
CA ASN B 102 0.99 -16.11 -21.05
C ASN B 102 0.35 -17.33 -20.41
N THR B 103 1.06 -18.45 -20.34
CA THR B 103 0.53 -19.62 -19.66
C THR B 103 1.12 -19.69 -18.26
N THR B 104 0.22 -19.85 -17.28
CA THR B 104 0.54 -19.67 -15.88
C THR B 104 -0.53 -20.35 -15.03
N SER B 105 -0.54 -20.08 -13.72
CA SER B 105 -1.66 -20.48 -12.86
C SER B 105 -2.39 -19.20 -12.47
N ASN B 106 -3.58 -19.35 -11.87
CA ASN B 106 -4.28 -18.19 -11.34
C ASN B 106 -3.65 -17.74 -10.03
N ASN B 107 -2.71 -16.81 -10.14
CA ASN B 107 -1.94 -16.37 -8.96
C ASN B 107 -2.68 -15.39 -8.08
N TYR B 108 -3.74 -14.79 -8.63
CA TYR B 108 -4.68 -13.96 -7.86
C TYR B 108 -5.47 -14.84 -6.89
N SER B 109 -6.04 -15.93 -7.39
CA SER B 109 -6.71 -16.92 -6.53
C SER B 109 -5.76 -17.57 -5.54
N ILE B 110 -4.61 -18.03 -6.04
CA ILE B 110 -3.55 -18.62 -5.22
C ILE B 110 -3.13 -17.69 -4.09
N GLY B 111 -2.71 -16.47 -4.45
CA GLY B 111 -2.20 -15.50 -3.48
C GLY B 111 -3.20 -15.21 -2.37
N ALA B 112 -4.45 -14.99 -2.76
CA ALA B 112 -5.53 -14.74 -1.84
C ALA B 112 -5.79 -15.93 -0.94
N GLU B 113 -6.03 -17.10 -1.54
CA GLU B 113 -6.36 -18.31 -0.78
C GLU B 113 -5.27 -18.74 0.19
N LEU B 114 -4.00 -18.55 -0.19
CA LEU B 114 -2.88 -18.87 0.69
C LEU B 114 -2.80 -17.94 1.92
N ALA B 115 -2.99 -16.65 1.70
CA ALA B 115 -2.99 -15.67 2.80
C ALA B 115 -4.21 -15.86 3.71
N LEU B 116 -5.35 -16.23 3.11
CA LEU B 116 -6.57 -16.51 3.88
C LEU B 116 -6.45 -17.77 4.75
N GLN B 117 -5.79 -18.79 4.23
CA GLN B 117 -5.52 -20.00 5.03
C GLN B 117 -4.60 -19.67 6.18
N MET B 118 -3.61 -18.82 5.91
CA MET B 118 -2.66 -18.34 6.92
C MET B 118 -3.34 -17.59 8.05
N VAL B 119 -4.30 -16.73 7.72
CA VAL B 119 -5.01 -15.96 8.75
C VAL B 119 -6.05 -16.79 9.53
N ALA B 120 -6.68 -17.75 8.84
CA ALA B 120 -7.58 -18.69 9.52
C ALA B 120 -6.82 -19.59 10.49
N ASP B 121 -5.59 -19.94 10.14
CA ASP B 121 -4.70 -20.71 11.00
C ASP B 121 -4.26 -19.90 12.22
N LEU B 122 -3.98 -18.61 12.01
CA LEU B 122 -3.55 -17.69 13.05
C LEU B 122 -4.66 -17.29 14.03
N GLY B 123 -5.91 -17.61 13.68
CA GLY B 123 -7.06 -17.19 14.46
C GLY B 123 -7.35 -15.71 14.35
N GLY B 124 -6.93 -15.08 13.25
CA GLY B 124 -7.14 -13.64 13.06
C GLY B 124 -6.18 -12.72 13.80
N LYS B 125 -5.29 -13.29 14.61
CA LYS B 125 -4.29 -12.51 15.35
C LYS B 125 -2.91 -13.17 15.27
N GLY B 126 -1.91 -12.43 14.80
CA GLY B 126 -0.52 -12.92 14.82
C GLY B 126 0.45 -12.16 13.94
N ASN B 127 1.74 -12.35 14.20
CA ASN B 127 2.77 -11.68 13.40
C ASN B 127 3.34 -12.61 12.34
N VAL B 128 3.52 -12.06 11.15
CA VAL B 128 3.90 -12.86 9.99
C VAL B 128 5.27 -12.41 9.53
N LEU B 129 6.17 -13.37 9.36
CA LEU B 129 7.47 -13.12 8.78
C LEU B 129 7.41 -13.34 7.26
N VAL B 130 7.85 -12.34 6.50
CA VAL B 130 7.64 -12.33 5.05
C VAL B 130 8.95 -12.32 4.29
N PHE B 131 9.09 -13.25 3.35
CA PHE B 131 10.22 -13.25 2.42
C PHE B 131 9.80 -12.63 1.10
N ASN B 132 10.36 -11.47 0.77
CA ASN B 132 10.00 -10.82 -0.48
C ASN B 132 11.22 -10.39 -1.31
N GLY B 133 11.91 -11.37 -1.86
CA GLY B 133 13.15 -11.15 -2.61
C GLY B 133 12.96 -11.17 -4.11
N PHE B 134 11.73 -11.44 -4.56
CA PHE B 134 11.46 -11.66 -5.98
C PHE B 134 10.26 -10.85 -6.48
N TYR B 135 10.09 -9.66 -5.93
CA TYR B 135 9.02 -8.75 -6.33
C TYR B 135 9.08 -8.37 -7.82
N SER B 136 10.26 -8.49 -8.43
CA SER B 136 10.43 -8.15 -9.83
CA SER B 136 10.47 -8.17 -9.83
C SER B 136 10.00 -9.27 -10.78
N VAL B 137 9.72 -10.45 -10.24
CA VAL B 137 9.07 -11.48 -11.04
C VAL B 137 7.55 -11.34 -10.81
N PRO B 138 6.79 -11.13 -11.91
CA PRO B 138 5.36 -10.86 -11.97
C PRO B 138 4.48 -11.76 -11.10
N VAL B 139 4.71 -13.07 -11.12
CA VAL B 139 3.89 -14.00 -10.31
C VAL B 139 4.11 -13.81 -8.82
N CYS B 140 5.32 -13.38 -8.45
CA CYS B 140 5.62 -13.14 -7.06
C CYS B 140 5.07 -11.80 -6.58
N LYS B 141 4.98 -10.84 -7.49
CA LYS B 141 4.38 -9.55 -7.14
C LYS B 141 2.87 -9.70 -6.90
N ILE B 142 2.20 -10.51 -7.73
CA ILE B 142 0.79 -10.84 -7.54
C ILE B 142 0.57 -11.56 -6.21
N ARG B 143 1.46 -12.49 -5.89
CA ARG B 143 1.32 -13.30 -4.69
C ARG B 143 1.48 -12.47 -3.43
N TYR B 144 2.44 -11.53 -3.50
CA TYR B 144 2.70 -10.58 -2.42
C TYR B 144 1.55 -9.59 -2.23
N ASP B 145 1.15 -8.92 -3.32
CA ASP B 145 0.09 -7.91 -3.28
C ASP B 145 -1.22 -8.47 -2.75
N GLN B 146 -1.59 -9.66 -3.22
CA GLN B 146 -2.78 -10.40 -2.74
C GLN B 146 -2.71 -10.71 -1.24
N MET B 147 -1.53 -11.13 -0.77
CA MET B 147 -1.28 -11.40 0.65
C MET B 147 -1.44 -10.14 1.48
N LYS B 148 -0.85 -9.05 1.00
CA LYS B 148 -0.83 -7.79 1.72
C LYS B 148 -2.25 -7.20 1.75
N TYR B 149 -2.94 -7.30 0.62
CA TYR B 149 -4.33 -6.89 0.54
C TYR B 149 -5.26 -7.66 1.48
N VAL B 150 -5.15 -8.99 1.53
CA VAL B 150 -5.94 -9.83 2.46
C VAL B 150 -5.71 -9.41 3.91
N LEU B 151 -4.44 -9.14 4.24
CA LEU B 151 -4.01 -8.87 5.60
C LEU B 151 -4.53 -7.58 6.21
N GLU B 152 -4.81 -6.58 5.38
CA GLU B 152 -5.28 -5.29 5.90
C GLU B 152 -6.72 -5.34 6.44
N ALA B 153 -7.48 -6.33 5.99
CA ALA B 153 -8.80 -6.63 6.54
C ALA B 153 -8.71 -7.16 7.98
N PHE B 154 -7.53 -7.59 8.40
CA PHE B 154 -7.32 -8.15 9.73
C PHE B 154 -6.28 -7.32 10.52
N PRO B 155 -6.74 -6.43 11.43
CA PRO B 155 -5.84 -5.47 12.10
C PRO B 155 -4.81 -6.09 13.03
N ASP B 156 -5.12 -7.28 13.56
CA ASP B 156 -4.24 -8.00 14.49
C ASP B 156 -3.26 -8.97 13.81
N VAL B 157 -3.31 -9.00 12.48
CA VAL B 157 -2.30 -9.71 11.71
C VAL B 157 -1.37 -8.69 11.07
N LYS B 158 -0.10 -8.73 11.46
CA LYS B 158 0.87 -7.73 11.02
C LYS B 158 2.10 -8.38 10.41
N ILE B 159 2.66 -7.74 9.40
CA ILE B 159 3.90 -8.16 8.77
C ILE B 159 5.07 -7.61 9.57
N ILE B 160 5.99 -8.51 9.95
CA ILE B 160 7.18 -8.15 10.71
C ILE B 160 8.12 -7.29 9.87
N GLU B 161 8.64 -6.23 10.50
CA GLU B 161 9.70 -5.43 9.91
C GLU B 161 11.07 -5.91 10.43
N PRO B 162 12.01 -6.19 9.50
CA PRO B 162 11.87 -6.06 8.06
C PRO B 162 11.32 -7.30 7.36
N GLU B 163 10.97 -7.14 6.09
CA GLU B 163 10.76 -8.28 5.21
C GLU B 163 12.12 -8.80 4.77
N LEU B 164 12.30 -10.11 4.86
CA LEU B 164 13.56 -10.74 4.51
C LEU B 164 13.61 -11.00 3.02
N ARG B 165 14.83 -11.10 2.48
CA ARG B 165 15.02 -11.40 1.07
C ARG B 165 15.35 -12.87 0.89
N ASP B 166 14.45 -13.61 0.25
CA ASP B 166 14.80 -14.93 -0.24
C ASP B 166 15.72 -14.80 -1.48
N VAL B 167 16.74 -15.66 -1.57
CA VAL B 167 17.76 -15.53 -2.61
C VAL B 167 17.96 -16.81 -3.42
N ILE B 168 18.56 -16.65 -4.61
CA ILE B 168 19.13 -17.74 -5.42
C ILE B 168 20.56 -17.31 -5.82
N PRO B 169 21.57 -18.20 -5.61
CA PRO B 169 21.50 -19.57 -5.14
C PRO B 169 21.49 -19.64 -3.62
N ASN B 170 21.63 -20.86 -3.09
CA ASN B 170 21.72 -21.12 -1.64
C ASN B 170 20.44 -20.73 -0.92
N THR B 171 19.32 -21.03 -1.55
CA THR B 171 17.99 -20.60 -1.10
C THR B 171 17.61 -21.19 0.24
N ILE B 172 17.64 -22.52 0.32
CA ILE B 172 17.26 -23.27 1.51
C ILE B 172 18.11 -22.85 2.72
N GLN B 173 19.43 -22.86 2.57
CA GLN B 173 20.29 -22.55 3.71
C GLN B 173 20.19 -21.10 4.19
N SER B 174 20.01 -20.18 3.25
CA SER B 174 19.86 -18.75 3.55
C SER B 174 18.56 -18.46 4.31
N ALA B 175 17.49 -19.12 3.88
CA ALA B 175 16.20 -19.03 4.56
C ALA B 175 16.23 -19.63 5.98
N TYR B 176 16.92 -20.76 6.13
CA TYR B 176 17.15 -21.39 7.44
C TYR B 176 17.85 -20.40 8.37
N SER B 177 18.91 -19.77 7.89
CA SER B 177 19.72 -18.86 8.72
C SER B 177 18.99 -17.58 9.09
N ASN B 178 18.21 -17.04 8.16
CA ASN B 178 17.37 -15.87 8.42
C ASN B 178 16.33 -16.10 9.51
N VAL B 179 15.61 -17.22 9.40
CA VAL B 179 14.61 -17.59 10.39
C VAL B 179 15.23 -17.74 11.77
N THR B 180 16.35 -18.46 11.83
CA THR B 180 17.09 -18.69 13.06
C THR B 180 17.44 -17.38 13.78
N ASP B 181 18.02 -16.46 13.02
CA ASP B 181 18.32 -15.10 13.45
C ASP B 181 17.09 -14.37 14.00
N MET B 182 15.96 -14.52 13.31
CA MET B 182 14.72 -13.85 13.69
C MET B 182 14.04 -14.50 14.91
N LEU B 183 14.22 -15.80 15.09
CA LEU B 183 13.77 -16.51 16.30
C LEU B 183 14.59 -16.15 17.55
N THR B 184 15.85 -15.76 17.35
CA THR B 184 16.71 -15.29 18.43
C THR B 184 16.28 -13.88 18.83
N LYS B 185 15.95 -13.07 17.84
CA LYS B 185 15.47 -11.71 18.07
C LYS B 185 14.04 -11.68 18.65
N TYR B 186 13.20 -12.62 18.24
CA TYR B 186 11.82 -12.69 18.72
C TYR B 186 11.51 -14.07 19.32
N PRO B 187 11.97 -14.33 20.56
CA PRO B 187 11.94 -15.68 21.11
C PRO B 187 10.66 -16.08 21.85
N ASN B 188 9.77 -15.14 22.17
CA ASN B 188 8.58 -15.45 22.96
C ASN B 188 7.37 -15.92 22.16
N GLU B 189 6.50 -16.67 22.81
CA GLU B 189 5.46 -17.50 22.16
C GLU B 189 4.47 -16.79 21.21
N GLY B 190 4.27 -15.49 21.38
CA GLY B 190 3.36 -14.75 20.51
C GLY B 190 4.02 -13.92 19.42
N ASP B 191 5.33 -13.74 19.53
CA ASP B 191 6.12 -12.79 18.72
C ASP B 191 6.11 -13.04 17.20
N VAL B 192 6.00 -14.31 16.81
CA VAL B 192 5.93 -14.70 15.40
C VAL B 192 5.04 -15.94 15.29
N GLY B 193 4.08 -15.89 14.38
CA GLY B 193 3.07 -16.93 14.29
C GLY B 193 3.04 -17.64 12.96
N ALA B 194 3.55 -16.98 11.92
CA ALA B 194 3.53 -17.52 10.55
C ALA B 194 4.71 -17.04 9.74
N ILE B 195 5.05 -17.81 8.71
CA ILE B 195 6.10 -17.42 7.75
C ILE B 195 5.59 -17.61 6.34
N TRP B 196 5.89 -16.64 5.47
CA TRP B 196 5.37 -16.63 4.12
C TRP B 196 6.47 -16.37 3.08
N ALA B 197 6.33 -17.01 1.92
CA ALA B 197 7.10 -16.66 0.71
C ALA B 197 6.27 -16.97 -0.53
N CYS B 198 6.63 -16.36 -1.66
CA CYS B 198 5.88 -16.55 -2.91
C CYS B 198 6.24 -17.86 -3.63
N TRP B 199 7.19 -18.60 -3.07
CA TRP B 199 7.55 -19.94 -3.54
C TRP B 199 8.02 -20.81 -2.36
N ASP B 200 7.96 -22.13 -2.52
CA ASP B 200 8.11 -23.04 -1.37
C ASP B 200 9.54 -23.44 -0.99
N VAL B 201 10.49 -23.19 -1.87
CA VAL B 201 11.89 -23.54 -1.63
C VAL B 201 12.51 -22.87 -0.36
N PRO B 202 12.32 -21.54 -0.17
CA PRO B 202 12.77 -20.99 1.12
C PRO B 202 11.96 -21.49 2.32
N MET B 203 10.72 -21.90 2.08
CA MET B 203 9.89 -22.43 3.15
C MET B 203 10.38 -23.77 3.69
N ILE B 204 11.07 -24.54 2.86
CA ILE B 204 11.75 -25.78 3.29
C ILE B 204 12.80 -25.45 4.37
N GLY B 205 13.68 -24.50 4.06
CA GLY B 205 14.67 -23.98 5.00
C GLY B 205 14.09 -23.38 6.27
N ALA B 206 13.04 -22.57 6.11
CA ALA B 206 12.31 -21.99 7.24
C ALA B 206 11.69 -23.06 8.15
N THR B 207 11.09 -24.09 7.53
CA THR B 207 10.51 -25.20 8.29
C THR B 207 11.59 -25.95 9.07
N GLN B 208 12.71 -26.25 8.41
CA GLN B 208 13.88 -26.87 9.03
C GLN B 208 14.43 -26.09 10.22
N ALA B 209 14.50 -24.76 10.10
CA ALA B 209 14.91 -23.89 11.20
C ALA B 209 13.96 -23.89 12.41
N LEU B 210 12.65 -23.94 12.14
CA LEU B 210 11.64 -24.02 13.19
C LEU B 210 11.70 -25.35 13.92
N GLN B 211 11.88 -26.42 13.15
CA GLN B 211 12.04 -27.77 13.71
C GLN B 211 13.30 -27.91 14.56
N ALA B 212 14.37 -27.28 14.11
CA ALA B 212 15.60 -27.21 14.86
C ALA B 212 15.42 -26.45 16.17
N ALA B 213 14.64 -25.41 16.13
CA ALA B 213 14.41 -24.59 17.28
C ALA B 213 13.45 -25.17 18.30
N GLY B 214 12.84 -26.30 17.98
CA GLY B 214 11.75 -26.83 18.73
C GLY B 214 10.42 -26.36 18.20
N ARG B 215 9.81 -25.42 18.88
CA ARG B 215 9.07 -24.35 18.21
C ARG B 215 7.99 -24.85 17.30
N THR B 216 7.02 -25.57 17.83
CA THR B 216 6.00 -26.18 17.01
C THR B 216 4.78 -25.34 16.69
N ASP B 217 4.81 -24.08 17.07
CA ASP B 217 3.61 -23.30 17.12
C ASP B 217 3.51 -22.33 15.94
N ILE B 218 4.49 -22.34 15.06
CA ILE B 218 4.50 -21.47 13.93
C ILE B 218 4.32 -22.27 12.67
N ARG B 219 3.67 -21.72 11.65
CA ARG B 219 3.43 -22.42 10.40
C ARG B 219 4.05 -21.68 9.20
N THR B 220 4.46 -22.42 8.17
CA THR B 220 5.09 -21.83 6.98
C THR B 220 4.19 -21.98 5.77
N TYR B 221 4.28 -21.02 4.84
CA TYR B 221 3.34 -20.93 3.72
C TYR B 221 4.03 -20.55 2.43
N GLY B 222 3.82 -21.38 1.41
CA GLY B 222 4.48 -21.17 0.13
C GLY B 222 3.64 -21.64 -1.04
N VAL B 223 4.17 -21.42 -2.23
CA VAL B 223 3.54 -21.77 -3.49
C VAL B 223 4.50 -22.66 -4.26
N ASP B 224 3.99 -23.74 -4.87
CA ASP B 224 4.61 -24.47 -6.01
C ASP B 224 4.29 -25.93 -6.02
N GLY B 225 4.35 -26.54 -4.83
CA GLY B 225 4.05 -27.96 -4.68
C GLY B 225 5.24 -28.86 -4.92
N SER B 226 6.44 -28.38 -4.56
CA SER B 226 7.68 -29.17 -4.67
C SER B 226 7.58 -30.34 -3.70
N PRO B 227 7.93 -31.56 -4.18
CA PRO B 227 7.64 -32.82 -3.45
C PRO B 227 8.16 -32.83 -2.01
N GLU B 228 9.33 -32.21 -1.79
CA GLU B 228 9.85 -31.98 -0.45
C GLU B 228 8.84 -31.27 0.46
N PHE B 229 8.40 -30.09 0.02
CA PHE B 229 7.51 -29.26 0.82
C PHE B 229 6.12 -29.86 1.00
N VAL B 230 5.60 -30.52 -0.03
CA VAL B 230 4.30 -31.22 0.04
C VAL B 230 4.32 -32.32 1.11
N GLU B 231 5.43 -33.07 1.16
CA GLU B 231 5.67 -34.08 2.18
C GLU B 231 5.75 -33.47 3.58
N MET B 232 6.36 -32.29 3.68
CA MET B 232 6.36 -31.51 4.93
C MET B 232 4.92 -31.15 5.42
N VAL B 233 4.08 -30.54 4.57
CA VAL B 233 2.71 -30.18 4.99
C VAL B 233 1.82 -31.41 5.26
N ALA B 234 2.07 -32.50 4.54
CA ALA B 234 1.41 -33.77 4.83
C ALA B 234 1.72 -34.28 6.25
N ASP B 235 2.98 -34.12 6.66
CA ASP B 235 3.51 -34.61 7.94
C ASP B 235 2.94 -33.83 9.14
N PRO B 236 2.18 -34.52 10.03
CA PRO B 236 1.61 -33.95 11.26
C PRO B 236 2.63 -33.34 12.23
N GLU B 237 3.85 -33.87 12.25
CA GLU B 237 4.89 -33.40 13.17
C GLU B 237 5.56 -32.10 12.69
N SER B 238 5.33 -31.75 11.44
CA SER B 238 6.04 -30.68 10.77
C SER B 238 5.29 -29.33 10.82
N PRO B 239 6.03 -28.21 11.04
CA PRO B 239 5.55 -26.83 10.99
C PRO B 239 5.14 -26.29 9.61
N ALA B 240 5.05 -27.15 8.59
CA ALA B 240 4.60 -26.67 7.29
C ALA B 240 3.09 -26.51 7.32
N GLY B 241 2.63 -25.32 6.96
CA GLY B 241 1.23 -24.99 7.11
C GLY B 241 0.38 -25.37 5.92
N ALA B 242 0.78 -24.89 4.74
CA ALA B 242 0.01 -25.08 3.53
C ALA B 242 0.85 -24.75 2.31
N VAL B 243 0.48 -25.35 1.19
CA VAL B 243 1.10 -25.03 -0.09
C VAL B 243 0.07 -24.96 -1.23
N ALA B 244 0.22 -23.96 -2.07
CA ALA B 244 -0.49 -23.87 -3.33
C ALA B 244 0.25 -24.65 -4.41
N ALA B 245 -0.25 -25.86 -4.68
CA ALA B 245 0.39 -26.83 -5.55
C ALA B 245 0.02 -26.63 -7.02
N GLN B 246 1.01 -26.23 -7.80
CA GLN B 246 0.84 -25.97 -9.23
C GLN B 246 1.14 -27.20 -10.10
N GLN B 247 0.95 -27.05 -11.40
CA GLN B 247 1.28 -28.11 -12.34
C GLN B 247 2.25 -27.56 -13.39
N PRO B 248 3.57 -27.58 -13.07
CA PRO B 248 4.59 -27.04 -13.99
C PRO B 248 4.65 -27.74 -15.36
N SER B 249 4.41 -29.06 -15.37
CA SER B 249 4.46 -29.86 -16.61
C SER B 249 3.30 -29.56 -17.55
N GLU B 250 2.11 -29.35 -16.98
CA GLU B 250 0.96 -28.94 -17.78
C GLU B 250 1.11 -27.52 -18.32
N ILE B 251 1.63 -26.62 -17.48
CA ILE B 251 1.90 -25.23 -17.87
C ILE B 251 2.85 -25.15 -19.08
N GLY B 252 3.97 -25.87 -19.01
CA GLY B 252 4.94 -25.93 -20.11
C GLY B 252 4.38 -26.55 -21.37
N LYS B 253 3.48 -27.53 -21.21
CA LYS B 253 2.80 -28.19 -22.31
C LYS B 253 1.82 -27.26 -23.02
N LEU B 254 0.95 -26.62 -22.23
CA LEU B 254 -0.06 -25.68 -22.72
C LEU B 254 0.50 -24.43 -23.41
N ALA B 255 1.68 -24.00 -22.97
CA ALA B 255 2.39 -22.90 -23.61
C ALA B 255 2.78 -23.22 -25.05
N VAL B 256 3.22 -24.45 -25.29
CA VAL B 256 3.63 -24.90 -26.64
C VAL B 256 2.40 -25.09 -27.54
N GLN B 257 1.30 -25.55 -26.92
CA GLN B 257 0.00 -25.68 -27.58
C GLN B 257 -0.46 -24.35 -28.16
N ASN B 258 -0.38 -23.30 -27.34
CA ASN B 258 -0.73 -21.95 -27.76
C ASN B 258 0.12 -21.46 -28.93
N VAL B 259 1.41 -21.81 -28.90
CA VAL B 259 2.32 -21.54 -30.01
C VAL B 259 1.87 -22.26 -31.28
N ALA B 260 1.48 -23.53 -31.14
CA ALA B 260 1.05 -24.36 -32.25
C ALA B 260 -0.20 -23.84 -32.95
N ARG B 261 -1.17 -23.41 -32.14
CA ARG B 261 -2.43 -22.85 -32.64
C ARG B 261 -2.20 -21.54 -33.37
N HIS B 262 -1.41 -20.64 -32.76
CA HIS B 262 -1.09 -19.33 -33.32
C HIS B 262 -0.42 -19.42 -34.68
N LEU B 263 0.53 -20.34 -34.80
CA LEU B 263 1.27 -20.54 -36.05
C LEU B 263 0.43 -21.19 -37.15
N ALA B 264 -0.64 -21.87 -36.73
CA ALA B 264 -1.64 -22.43 -37.64
C ALA B 264 -2.69 -21.39 -38.03
N GLY B 265 -2.62 -20.20 -37.45
CA GLY B 265 -3.55 -19.13 -37.76
C GLY B 265 -4.84 -19.19 -36.97
N GLN B 266 -4.86 -20.01 -35.92
CA GLN B 266 -6.00 -20.07 -35.01
C GLN B 266 -5.85 -18.96 -33.97
N GLU B 267 -6.96 -18.57 -33.35
CA GLU B 267 -6.93 -17.49 -32.36
C GLU B 267 -6.68 -18.01 -30.94
N VAL B 268 -5.71 -17.41 -30.26
CA VAL B 268 -5.38 -17.80 -28.89
C VAL B 268 -5.86 -16.75 -27.87
N LYS B 269 -6.17 -17.19 -26.66
CA LYS B 269 -6.56 -16.30 -25.57
C LYS B 269 -5.32 -15.60 -25.01
N PRO B 270 -5.48 -14.40 -24.42
CA PRO B 270 -4.31 -13.65 -23.94
C PRO B 270 -3.54 -14.28 -22.76
N PHE B 271 -4.20 -15.16 -22.01
CA PHE B 271 -3.58 -15.96 -20.95
C PHE B 271 -4.23 -17.33 -20.90
N THR B 272 -3.54 -18.30 -20.30
CA THR B 272 -4.04 -19.67 -20.14
C THR B 272 -3.71 -20.13 -18.72
N PHE B 273 -4.68 -20.72 -18.03
CA PHE B 273 -4.47 -21.19 -16.68
C PHE B 273 -4.43 -22.71 -16.58
N ALA B 274 -3.48 -23.22 -15.80
CA ALA B 274 -3.53 -24.60 -15.35
C ALA B 274 -4.08 -24.63 -13.90
N PRO B 275 -4.89 -25.65 -13.58
CA PRO B 275 -5.44 -25.75 -12.22
C PRO B 275 -4.35 -25.84 -11.13
N ALA B 276 -4.61 -25.19 -10.00
CA ALA B 276 -3.76 -25.28 -8.82
C ALA B 276 -4.64 -25.66 -7.64
N VAL B 277 -4.04 -26.26 -6.63
CA VAL B 277 -4.77 -26.74 -5.46
C VAL B 277 -4.09 -26.25 -4.19
N LEU B 278 -4.89 -25.87 -3.20
CA LEU B 278 -4.36 -25.60 -1.87
C LEU B 278 -4.30 -26.88 -1.05
N ILE B 279 -3.09 -27.30 -0.71
CA ILE B 279 -2.87 -28.46 0.16
C ILE B 279 -2.54 -27.93 1.55
N THR B 280 -3.37 -28.31 2.52
CA THR B 280 -3.23 -27.88 3.91
C THR B 280 -2.91 -29.11 4.76
N LYS B 281 -2.71 -28.90 6.07
CA LYS B 281 -2.39 -30.00 6.97
C LYS B 281 -3.57 -30.95 7.16
N GLU B 282 -4.78 -30.39 7.15
CA GLU B 282 -6.01 -31.15 7.37
C GLU B 282 -6.62 -31.67 6.07
N ASN B 283 -6.31 -30.97 4.97
CA ASN B 283 -6.74 -31.28 3.60
C ASN B 283 -6.91 -32.75 3.25
N SER C 2 27.26 27.73 -20.98
CA SER C 2 27.55 26.33 -20.53
C SER C 2 26.70 25.30 -21.27
N LEU C 3 25.74 25.78 -22.06
CA LEU C 3 24.87 24.92 -22.86
C LEU C 3 24.94 25.34 -24.33
N GLU C 4 25.95 26.16 -24.63
CA GLU C 4 26.14 26.73 -25.97
C GLU C 4 26.41 25.63 -26.98
N GLY C 5 25.59 25.59 -28.02
CA GLY C 5 25.71 24.59 -29.06
C GLY C 5 24.91 23.33 -28.80
N LYS C 6 24.30 23.25 -27.62
CA LYS C 6 23.52 22.07 -27.25
C LYS C 6 22.04 22.28 -27.52
N THR C 7 21.34 21.19 -27.80
CA THR C 7 19.91 21.21 -28.03
C THR C 7 19.25 20.29 -27.01
N ILE C 8 18.33 20.84 -26.23
CA ILE C 8 17.68 20.11 -25.15
C ILE C 8 16.17 20.02 -25.40
N GLY C 9 15.64 18.80 -25.32
CA GLY C 9 14.23 18.58 -25.49
C GLY C 9 13.49 18.57 -24.17
N ILE C 10 12.28 19.15 -24.18
CA ILE C 10 11.40 19.15 -23.01
C ILE C 10 10.11 18.43 -23.40
N THR C 11 9.69 17.44 -22.61
CA THR C 11 8.39 16.82 -22.80
C THR C 11 7.51 16.90 -21.54
N ALA C 12 6.49 17.76 -21.60
CA ALA C 12 5.53 17.92 -20.51
C ALA C 12 4.18 17.27 -20.87
N ILE C 13 3.46 16.80 -19.85
CA ILE C 13 2.11 16.24 -20.05
C ILE C 13 1.12 17.37 -20.40
N GLY C 14 1.40 18.57 -19.91
CA GLY C 14 0.53 19.71 -20.15
C GLY C 14 1.05 20.98 -19.49
N THR C 15 0.44 22.10 -19.84
CA THR C 15 0.80 23.39 -19.27
C THR C 15 -0.46 24.14 -18.87
N ASP C 16 -1.55 23.39 -18.72
CA ASP C 16 -2.91 23.93 -18.60
C ASP C 16 -3.24 24.69 -17.31
N HIS C 17 -2.42 24.52 -16.27
CA HIS C 17 -2.59 25.30 -15.05
CA HIS C 17 -2.60 25.29 -15.03
C HIS C 17 -1.28 25.92 -14.57
N ASP C 18 -1.36 26.72 -13.51
CA ASP C 18 -0.26 27.57 -13.03
C ASP C 18 1.09 26.89 -12.76
N TRP C 19 1.09 25.82 -11.97
CA TRP C 19 2.33 25.12 -11.61
C TRP C 19 3.07 24.60 -12.84
N ASP C 20 2.36 23.82 -13.65
CA ASP C 20 2.91 23.20 -14.86
C ASP C 20 3.51 24.21 -15.82
N LEU C 21 2.82 25.33 -16.04
CA LEU C 21 3.25 26.35 -17.00
C LEU C 21 4.49 27.08 -16.52
N LYS C 22 4.54 27.35 -15.22
CA LYS C 22 5.70 28.01 -14.61
C LYS C 22 6.95 27.15 -14.70
N ALA C 23 6.79 25.84 -14.46
CA ALA C 23 7.92 24.89 -14.55
C ALA C 23 8.38 24.70 -15.98
N TYR C 24 7.42 24.58 -16.91
CA TYR C 24 7.68 24.48 -18.34
C TYR C 24 8.45 25.69 -18.88
N GLN C 25 7.91 26.89 -18.65
CA GLN C 25 8.52 28.14 -19.10
C GLN C 25 9.88 28.43 -18.51
N ALA C 26 10.09 28.00 -17.26
CA ALA C 26 11.38 28.16 -16.58
C ALA C 26 12.48 27.34 -17.24
N GLN C 27 12.13 26.14 -17.70
CA GLN C 27 13.06 25.30 -18.46
C GLN C 27 13.46 25.95 -19.77
N ILE C 28 12.47 26.35 -20.57
CA ILE C 28 12.70 27.03 -21.85
C ILE C 28 13.62 28.25 -21.68
N ALA C 29 13.30 29.10 -20.72
CA ALA C 29 14.08 30.31 -20.43
C ALA C 29 15.52 30.00 -19.99
N GLU C 30 15.69 28.96 -19.17
CA GLU C 30 17.01 28.60 -18.66
C GLU C 30 17.91 27.96 -19.71
N ILE C 31 17.32 27.14 -20.57
CA ILE C 31 18.02 26.57 -21.72
C ILE C 31 18.57 27.68 -22.63
N GLU C 32 17.70 28.60 -23.05
CA GLU C 32 18.08 29.73 -23.88
C GLU C 32 19.06 30.71 -23.23
N ARG C 33 18.93 30.89 -21.92
CA ARG C 33 19.85 31.73 -21.15
C ARG C 33 21.26 31.17 -21.14
N LEU C 34 21.36 29.85 -21.05
CA LEU C 34 22.66 29.18 -20.95
C LEU C 34 23.34 28.98 -22.32
N GLY C 35 22.72 29.51 -23.37
CA GLY C 35 23.33 29.57 -24.70
C GLY C 35 22.78 28.53 -25.65
N GLY C 36 21.74 27.83 -25.21
CA GLY C 36 21.25 26.66 -25.89
C GLY C 36 19.97 26.83 -26.67
N THR C 37 19.52 25.74 -27.27
CA THR C 37 18.34 25.73 -28.12
C THR C 37 17.38 24.73 -27.50
N ALA C 38 16.15 25.15 -27.31
CA ALA C 38 15.16 24.29 -26.69
C ALA C 38 14.18 23.82 -27.74
N ILE C 39 13.83 22.54 -27.69
CA ILE C 39 12.62 22.10 -28.38
C ILE C 39 11.64 21.63 -27.31
N ALA C 40 10.53 22.37 -27.20
CA ALA C 40 9.60 22.19 -26.13
C ALA C 40 8.28 21.64 -26.65
N LEU C 41 7.91 20.46 -26.18
CA LEU C 41 6.70 19.77 -26.63
C LEU C 41 5.65 19.62 -25.52
N ASP C 42 4.42 19.99 -25.83
CA ASP C 42 3.31 20.05 -24.88
C ASP C 42 2.23 19.04 -25.30
N ALA C 43 1.94 18.08 -24.43
CA ALA C 43 1.04 16.98 -24.77
C ALA C 43 -0.44 17.31 -24.70
N GLY C 44 -0.77 18.43 -24.04
CA GLY C 44 -2.17 18.84 -23.84
C GLY C 44 -2.97 17.83 -23.02
N ARG C 45 -2.35 17.32 -21.96
CA ARG C 45 -2.93 16.31 -21.05
C ARG C 45 -3.46 15.05 -21.75
N ASN C 46 -2.72 14.61 -22.76
CA ASN C 46 -2.99 13.38 -23.48
C ASN C 46 -1.75 12.49 -23.47
N ASP C 47 -1.91 11.26 -22.99
CA ASP C 47 -0.80 10.30 -22.86
C ASP C 47 -0.26 9.83 -24.22
N GLN C 48 -1.19 9.62 -25.15
CA GLN C 48 -0.92 9.30 -26.55
C GLN C 48 0.01 10.34 -27.17
N THR C 49 -0.33 11.62 -27.02
CA THR C 49 0.46 12.72 -27.59
C THR C 49 1.85 12.75 -27.01
N GLN C 50 1.95 12.54 -25.71
CA GLN C 50 3.25 12.56 -25.04
C GLN C 50 4.17 11.44 -25.53
N VAL C 51 3.61 10.23 -25.69
CA VAL C 51 4.31 9.08 -26.28
C VAL C 51 4.94 9.43 -27.63
N SER C 52 4.15 10.01 -28.55
CA SER C 52 4.63 10.38 -29.87
C SER C 52 5.59 11.58 -29.85
N GLN C 53 5.45 12.43 -28.84
CA GLN C 53 6.39 13.55 -28.63
C GLN C 53 7.74 13.09 -28.10
N ILE C 54 7.72 12.00 -27.32
CA ILE C 54 8.95 11.35 -26.87
C ILE C 54 9.66 10.72 -28.08
N GLN C 55 8.92 9.94 -28.87
CA GLN C 55 9.43 9.34 -30.12
C GLN C 55 10.07 10.37 -31.04
N THR C 56 9.38 11.50 -31.19
CA THR C 56 9.87 12.66 -31.91
C THR C 56 11.21 13.16 -31.38
N LEU C 57 11.28 13.31 -30.04
CA LEU C 57 12.50 13.79 -29.38
C LEU C 57 13.66 12.82 -29.54
N ILE C 58 13.38 11.52 -29.40
CA ILE C 58 14.37 10.46 -29.64
C ILE C 58 14.96 10.59 -31.05
N ALA C 59 14.08 10.73 -32.04
CA ALA C 59 14.45 10.82 -33.44
C ALA C 59 15.25 12.07 -33.81
N GLN C 60 15.13 13.13 -33.00
CA GLN C 60 15.83 14.38 -33.28
C GLN C 60 17.22 14.44 -32.67
N LYS C 61 17.54 13.43 -31.87
CA LYS C 61 18.84 13.28 -31.18
C LYS C 61 19.33 14.53 -30.42
N PRO C 62 18.63 14.91 -29.33
CA PRO C 62 19.10 16.04 -28.56
C PRO C 62 20.22 15.61 -27.62
N ASP C 63 20.96 16.58 -27.11
CA ASP C 63 22.01 16.30 -26.13
C ASP C 63 21.45 15.80 -24.79
N ALA C 64 20.21 16.19 -24.48
CA ALA C 64 19.46 15.72 -23.31
C ALA C 64 17.95 15.92 -23.47
N ILE C 65 17.18 15.17 -22.69
CA ILE C 65 15.73 15.30 -22.64
C ILE C 65 15.27 15.50 -21.19
N ILE C 66 14.44 16.53 -20.95
CA ILE C 66 13.77 16.69 -19.66
C ILE C 66 12.28 16.34 -19.76
N GLU C 67 11.82 15.52 -18.84
CA GLU C 67 10.44 15.06 -18.80
C GLU C 67 9.72 15.64 -17.58
N GLN C 68 8.60 16.31 -17.81
CA GLN C 68 7.82 16.93 -16.74
C GLN C 68 6.45 16.25 -16.56
N LEU C 69 6.29 15.63 -15.40
CA LEU C 69 5.04 14.99 -14.93
C LEU C 69 4.45 13.91 -15.84
N GLY C 70 3.21 13.53 -15.57
CA GLY C 70 2.54 12.51 -16.37
C GLY C 70 2.45 11.16 -15.67
N ASN C 71 1.63 10.29 -16.26
CA ASN C 71 1.43 8.92 -15.84
C ASN C 71 2.70 8.11 -16.05
N LEU C 72 3.22 7.51 -14.97
CA LEU C 72 4.50 6.77 -15.02
C LEU C 72 4.38 5.41 -15.70
N ASP C 73 3.25 4.73 -15.46
CA ASP C 73 2.96 3.40 -16.01
C ASP C 73 2.90 3.44 -17.52
N VAL C 74 2.33 4.53 -18.04
CA VAL C 74 2.27 4.80 -19.47
C VAL C 74 3.66 5.17 -19.99
N LEU C 75 4.39 5.97 -19.23
CA LEU C 75 5.65 6.55 -19.69
C LEU C 75 6.86 5.61 -19.63
N ASN C 76 6.85 4.67 -18.68
CA ASN C 76 7.95 3.71 -18.46
C ASN C 76 8.66 3.10 -19.70
N PRO C 77 7.90 2.48 -20.65
CA PRO C 77 8.55 1.90 -21.83
C PRO C 77 9.28 2.90 -22.71
N TRP C 78 8.75 4.12 -22.83
CA TRP C 78 9.37 5.13 -23.69
C TRP C 78 10.51 5.86 -23.02
N LEU C 79 10.48 5.90 -21.68
CA LEU C 79 11.62 6.37 -20.88
C LEU C 79 12.81 5.42 -21.05
N GLN C 80 12.50 4.13 -21.15
CA GLN C 80 13.48 3.08 -21.43
C GLN C 80 14.14 3.30 -22.79
N LYS C 81 13.32 3.62 -23.79
CA LYS C 81 13.82 3.94 -25.14
C LYS C 81 14.75 5.15 -25.22
N ILE C 82 14.55 6.14 -24.34
CA ILE C 82 15.43 7.32 -24.29
C ILE C 82 16.84 6.93 -23.84
N ASN C 83 16.91 5.97 -22.91
CA ASN C 83 18.17 5.36 -22.47
C ASN C 83 18.80 4.49 -23.55
N ASP C 84 17.96 3.70 -24.22
CA ASP C 84 18.37 2.83 -25.33
C ASP C 84 18.99 3.61 -26.48
N ALA C 85 18.46 4.82 -26.70
CA ALA C 85 18.95 5.70 -27.75
C ALA C 85 20.21 6.47 -27.32
N GLY C 86 20.58 6.35 -26.04
CA GLY C 86 21.79 6.95 -25.51
C GLY C 86 21.68 8.43 -25.16
N ILE C 87 20.45 8.90 -24.97
CA ILE C 87 20.18 10.29 -24.61
C ILE C 87 19.97 10.42 -23.10
N PRO C 88 20.80 11.26 -22.44
CA PRO C 88 20.70 11.55 -21.01
C PRO C 88 19.32 12.07 -20.63
N LEU C 89 18.62 11.33 -19.77
CA LEU C 89 17.27 11.66 -19.36
C LEU C 89 17.21 12.34 -17.98
N PHE C 90 16.50 13.46 -17.94
CA PHE C 90 16.29 14.21 -16.70
C PHE C 90 14.79 14.38 -16.49
N THR C 91 14.38 14.56 -15.24
CA THR C 91 12.95 14.75 -14.95
C THR C 91 12.65 15.90 -14.01
N VAL C 92 11.45 16.44 -14.17
CA VAL C 92 10.83 17.37 -13.25
C VAL C 92 9.69 16.57 -12.64
N ASP C 93 9.72 16.43 -11.31
CA ASP C 93 8.71 15.70 -10.52
C ASP C 93 8.59 14.19 -10.74
N THR C 94 8.94 13.72 -11.94
CA THR C 94 8.76 12.30 -12.27
C THR C 94 9.87 11.43 -11.66
N ALA C 95 9.56 10.81 -10.52
CA ALA C 95 10.52 9.97 -9.84
C ALA C 95 10.62 8.62 -10.55
N THR C 96 11.71 8.46 -11.30
CA THR C 96 12.03 7.19 -11.97
C THR C 96 13.52 6.81 -11.92
N PRO C 97 13.81 5.50 -11.76
CA PRO C 97 15.15 4.91 -11.99
C PRO C 97 15.77 5.23 -13.37
N HIS C 98 14.95 5.51 -14.38
CA HIS C 98 15.41 5.79 -15.74
C HIS C 98 16.13 7.13 -15.89
N ALA C 99 15.91 8.04 -14.94
CA ALA C 99 16.50 9.37 -15.03
C ALA C 99 17.84 9.46 -14.31
N ILE C 100 18.74 10.28 -14.85
CA ILE C 100 19.99 10.64 -14.17
C ILE C 100 19.70 11.50 -12.94
N ASN C 101 18.82 12.49 -13.09
CA ASN C 101 18.43 13.38 -12.00
C ASN C 101 16.95 13.74 -12.05
N ASN C 102 16.32 13.82 -10.88
CA ASN C 102 14.97 14.34 -10.73
C ASN C 102 14.98 15.64 -9.93
N THR C 103 14.41 16.70 -10.49
CA THR C 103 14.23 17.94 -9.75
C THR C 103 12.76 18.12 -9.36
N THR C 104 12.53 18.39 -8.07
CA THR C 104 11.21 18.32 -7.48
C THR C 104 11.22 19.07 -6.13
N SER C 105 10.15 18.96 -5.36
CA SER C 105 10.15 19.38 -3.96
C SER C 105 10.35 18.18 -3.05
N ASN C 106 10.44 18.43 -1.74
CA ASN C 106 10.44 17.34 -0.79
C ASN C 106 8.99 17.00 -0.48
N ASN C 107 8.45 16.11 -1.29
CA ASN C 107 7.06 15.70 -1.18
C ASN C 107 6.77 14.83 0.03
N TYR C 108 7.81 14.18 0.55
CA TYR C 108 7.70 13.38 1.77
C TYR C 108 7.35 14.26 2.94
N SER C 109 8.06 15.38 3.07
CA SER C 109 7.79 16.40 4.09
C SER C 109 6.49 17.17 3.85
N ILE C 110 6.29 17.63 2.62
CA ILE C 110 5.06 18.29 2.21
C ILE C 110 3.85 17.42 2.56
N GLY C 111 3.89 16.15 2.13
CA GLY C 111 2.82 15.20 2.38
C GLY C 111 2.52 15.03 3.85
N ALA C 112 3.56 14.96 4.66
CA ALA C 112 3.40 14.74 6.10
C ALA C 112 2.86 15.98 6.80
N GLU C 113 3.52 17.12 6.59
CA GLU C 113 3.17 18.40 7.22
C GLU C 113 1.74 18.84 6.92
N LEU C 114 1.30 18.67 5.68
CA LEU C 114 -0.06 19.02 5.28
C LEU C 114 -1.10 18.16 6.03
N ALA C 115 -0.79 16.88 6.15
CA ALA C 115 -1.65 15.92 6.84
C ALA C 115 -1.69 16.21 8.34
N LEU C 116 -0.52 16.53 8.88
CA LEU C 116 -0.39 16.91 10.28
C LEU C 116 -1.15 18.18 10.62
N GLN C 117 -1.08 19.18 9.72
CA GLN C 117 -1.87 20.41 9.88
C GLN C 117 -3.37 20.11 9.99
N MET C 118 -3.86 19.32 9.03
CA MET C 118 -5.24 18.91 8.93
C MET C 118 -5.71 18.18 10.19
N VAL C 119 -4.85 17.31 10.74
CA VAL C 119 -5.14 16.65 12.02
C VAL C 119 -5.20 17.64 13.20
N ALA C 120 -4.26 18.58 13.23
CA ALA C 120 -4.25 19.62 14.29
C ALA C 120 -5.48 20.52 14.21
N ASP C 121 -5.84 20.92 12.99
CA ASP C 121 -7.06 21.71 12.73
C ASP C 121 -8.35 20.95 13.09
N LEU C 122 -8.32 19.63 12.97
CA LEU C 122 -9.48 18.79 13.29
C LEU C 122 -9.62 18.49 14.78
N GLY C 123 -8.61 18.86 15.58
CA GLY C 123 -8.57 18.48 16.99
C GLY C 123 -8.26 16.99 17.20
N GLY C 124 -7.76 16.33 16.15
CA GLY C 124 -7.45 14.91 16.21
C GLY C 124 -8.66 13.98 16.13
N LYS C 125 -9.79 14.52 15.69
CA LYS C 125 -11.01 13.74 15.48
C LYS C 125 -11.82 14.29 14.29
N GLY C 126 -12.20 13.41 13.38
CA GLY C 126 -13.12 13.78 12.30
C GLY C 126 -12.91 13.00 11.02
N ASN C 127 -13.78 13.22 10.04
CA ASN C 127 -13.67 12.53 8.77
C ASN C 127 -13.13 13.39 7.66
N VAL C 128 -12.44 12.75 6.72
CA VAL C 128 -11.69 13.41 5.67
C VAL C 128 -12.13 12.88 4.33
N LEU C 129 -12.71 13.77 3.53
CA LEU C 129 -13.01 13.45 2.14
C LEU C 129 -11.74 13.61 1.29
N VAL C 130 -11.38 12.57 0.56
CA VAL C 130 -10.10 12.52 -0.15
C VAL C 130 -10.26 12.44 -1.67
N PHE C 131 -9.55 13.33 -2.36
CA PHE C 131 -9.49 13.32 -3.81
C PHE C 131 -8.19 12.65 -4.25
N ASN C 132 -8.31 11.47 -4.85
CA ASN C 132 -7.14 10.68 -5.22
C ASN C 132 -7.16 10.27 -6.70
N GLY C 133 -7.32 11.25 -7.57
CA GLY C 133 -7.44 10.97 -8.99
C GLY C 133 -6.12 10.69 -9.67
N PHE C 134 -5.01 11.05 -9.04
CA PHE C 134 -3.73 11.06 -9.72
C PHE C 134 -2.61 10.19 -9.11
N TYR C 135 -2.98 9.08 -8.47
CA TYR C 135 -2.02 8.17 -7.82
C TYR C 135 -0.95 7.60 -8.77
N SER C 136 -1.26 7.59 -10.05
CA SER C 136 -0.34 7.17 -11.10
C SER C 136 0.78 8.19 -11.35
N VAL C 137 0.65 9.38 -10.76
CA VAL C 137 1.69 10.41 -10.78
C VAL C 137 2.48 10.28 -9.47
N PRO C 138 3.80 10.00 -9.57
CA PRO C 138 4.73 9.74 -8.46
C PRO C 138 4.62 10.69 -7.28
N VAL C 139 4.67 12.01 -7.52
CA VAL C 139 4.53 13.01 -6.45
C VAL C 139 3.19 12.88 -5.70
N CYS C 140 2.11 12.60 -6.43
CA CYS C 140 0.80 12.43 -5.82
C CYS C 140 0.68 11.11 -5.05
N LYS C 141 1.47 10.11 -5.45
CA LYS C 141 1.61 8.86 -4.68
C LYS C 141 2.27 9.12 -3.32
N ILE C 142 3.37 9.89 -3.33
CA ILE C 142 4.06 10.27 -2.11
C ILE C 142 3.15 11.03 -1.15
N ARG C 143 2.52 12.09 -1.66
CA ARG C 143 1.63 12.95 -0.87
C ARG C 143 0.47 12.18 -0.24
N TYR C 144 -0.08 11.23 -1.00
CA TYR C 144 -1.16 10.38 -0.50
C TYR C 144 -0.68 9.42 0.58
N ASP C 145 0.42 8.73 0.29
CA ASP C 145 1.01 7.74 1.20
C ASP C 145 1.42 8.34 2.55
N GLN C 146 1.98 9.55 2.51
CA GLN C 146 2.33 10.25 3.73
C GLN C 146 1.11 10.58 4.56
N MET C 147 0.05 11.08 3.92
CA MET C 147 -1.14 11.46 4.67
C MET C 147 -1.79 10.24 5.28
N LYS C 148 -1.85 9.15 4.52
CA LYS C 148 -2.42 7.90 5.01
C LYS C 148 -1.59 7.36 6.16
N TYR C 149 -0.26 7.52 6.06
CA TYR C 149 0.65 7.11 7.12
C TYR C 149 0.51 7.92 8.41
N VAL C 150 0.37 9.24 8.26
CA VAL C 150 0.14 10.17 9.36
C VAL C 150 -1.19 9.86 10.06
N LEU C 151 -2.20 9.54 9.25
CA LEU C 151 -3.55 9.34 9.75
C LEU C 151 -3.71 8.03 10.50
N GLU C 152 -2.79 7.09 10.25
CA GLU C 152 -2.72 5.83 11.00
C GLU C 152 -2.50 6.03 12.50
N ALA C 153 -1.82 7.13 12.86
CA ALA C 153 -1.56 7.47 14.26
C ALA C 153 -2.79 8.04 14.98
N PHE C 154 -3.86 8.28 14.24
CA PHE C 154 -5.05 8.92 14.77
C PHE C 154 -6.27 8.08 14.42
N PRO C 155 -6.72 7.23 15.36
CA PRO C 155 -7.90 6.39 15.16
C PRO C 155 -9.21 7.17 14.95
N ASP C 156 -9.28 8.37 15.50
CA ASP C 156 -10.48 9.22 15.37
C ASP C 156 -10.52 10.04 14.10
N VAL C 157 -9.40 10.09 13.37
CA VAL C 157 -9.38 10.72 12.05
C VAL C 157 -9.47 9.63 10.99
N LYS C 158 -10.46 9.75 10.10
CA LYS C 158 -10.76 8.70 9.11
C LYS C 158 -10.84 9.28 7.69
N ILE C 159 -10.41 8.49 6.71
CA ILE C 159 -10.62 8.76 5.30
C ILE C 159 -11.89 8.03 4.87
N ILE C 160 -12.88 8.77 4.37
CA ILE C 160 -14.15 8.14 3.96
C ILE C 160 -14.09 7.43 2.60
N GLU C 161 -14.75 6.28 2.55
CA GLU C 161 -14.84 5.47 1.34
C GLU C 161 -16.16 5.81 0.65
N PRO C 162 -16.15 5.93 -0.69
CA PRO C 162 -14.97 5.90 -1.54
C PRO C 162 -14.27 7.25 -1.63
N GLU C 163 -13.00 7.23 -2.01
CA GLU C 163 -12.27 8.43 -2.34
C GLU C 163 -12.73 8.88 -3.72
N LEU C 164 -12.91 10.18 -3.87
CA LEU C 164 -13.36 10.76 -5.12
C LEU C 164 -12.21 10.91 -6.12
N ARG C 165 -12.55 11.09 -7.39
CA ARG C 165 -11.56 11.38 -8.43
C ARG C 165 -11.49 12.86 -8.81
N ASP C 166 -10.34 13.49 -8.58
CA ASP C 166 -10.07 14.79 -9.19
C ASP C 166 -9.58 14.57 -10.62
N VAL C 167 -10.12 15.35 -11.57
CA VAL C 167 -9.94 15.07 -12.99
C VAL C 167 -9.37 16.25 -13.78
N ILE C 168 -8.85 15.95 -14.98
CA ILE C 168 -8.45 16.97 -15.96
C ILE C 168 -9.02 16.55 -17.34
N PRO C 169 -9.75 17.47 -18.02
CA PRO C 169 -9.98 18.87 -17.66
C PRO C 169 -11.23 19.08 -16.82
N ASN C 170 -11.61 20.35 -16.67
CA ASN C 170 -12.79 20.79 -15.91
C ASN C 170 -12.69 20.47 -14.42
N THR C 171 -11.48 20.68 -13.90
CA THR C 171 -11.10 20.29 -12.54
C THR C 171 -11.92 20.99 -11.48
N ILE C 172 -11.95 22.32 -11.56
CA ILE C 172 -12.61 23.17 -10.57
C ILE C 172 -14.10 22.84 -10.45
N GLN C 173 -14.76 22.76 -11.61
CA GLN C 173 -16.22 22.59 -11.65
CA GLN C 173 -16.22 22.59 -11.66
C GLN C 173 -16.67 21.17 -11.30
N SER C 174 -15.83 20.18 -11.60
CA SER C 174 -16.15 18.80 -11.24
C SER C 174 -15.90 18.53 -9.77
N ALA C 175 -14.97 19.27 -9.17
CA ALA C 175 -14.70 19.20 -7.75
C ALA C 175 -15.82 19.84 -6.93
N TYR C 176 -16.33 20.97 -7.42
CA TYR C 176 -17.48 21.67 -6.84
C TYR C 176 -18.69 20.75 -6.76
N SER C 177 -18.99 20.07 -7.88
CA SER C 177 -20.11 19.13 -8.01
C SER C 177 -20.01 17.95 -7.06
N ASN C 178 -18.82 17.31 -7.02
CA ASN C 178 -18.56 16.16 -6.13
C ASN C 178 -18.75 16.48 -4.64
N VAL C 179 -18.31 17.66 -4.23
CA VAL C 179 -18.44 18.12 -2.85
C VAL C 179 -19.90 18.43 -2.53
N THR C 180 -20.57 19.10 -3.46
CA THR C 180 -21.99 19.42 -3.37
C THR C 180 -22.82 18.14 -3.21
N ASP C 181 -22.60 17.20 -4.12
CA ASP C 181 -23.13 15.83 -4.03
C ASP C 181 -22.87 15.18 -2.66
N MET C 182 -21.66 15.36 -2.13
CA MET C 182 -21.27 14.75 -0.86
C MET C 182 -21.87 15.44 0.36
N LEU C 183 -22.15 16.73 0.23
CA LEU C 183 -22.75 17.52 1.32
C LEU C 183 -24.22 17.17 1.54
N THR C 184 -24.86 16.70 0.48
CA THR C 184 -26.21 16.13 0.54
C THR C 184 -26.17 14.84 1.36
N LYS C 185 -25.17 14.01 1.06
CA LYS C 185 -24.97 12.72 1.72
C LYS C 185 -24.49 12.86 3.17
N TYR C 186 -23.89 14.00 3.50
CA TYR C 186 -23.41 14.26 4.86
C TYR C 186 -23.87 15.61 5.40
N PRO C 187 -25.16 15.72 5.77
CA PRO C 187 -25.75 17.01 6.17
C PRO C 187 -25.31 17.56 7.54
N ASN C 188 -25.12 16.69 8.52
CA ASN C 188 -24.89 17.11 9.90
C ASN C 188 -23.49 17.64 10.18
N GLU C 189 -23.42 18.64 11.06
CA GLU C 189 -22.14 19.19 11.51
C GLU C 189 -21.44 18.12 12.34
N GLY C 190 -20.37 17.56 11.78
CA GLY C 190 -19.61 16.55 12.48
C GLY C 190 -19.14 15.36 11.67
N ASP C 191 -19.84 15.03 10.58
CA ASP C 191 -19.51 13.80 9.83
C ASP C 191 -18.58 13.94 8.62
N VAL C 192 -18.10 15.15 8.38
CA VAL C 192 -16.99 15.45 7.46
C VAL C 192 -16.40 16.79 7.91
N GLY C 193 -15.09 16.83 8.12
CA GLY C 193 -14.45 18.02 8.67
C GLY C 193 -13.30 18.59 7.85
N ALA C 194 -12.83 17.83 6.87
CA ALA C 194 -11.71 18.24 6.04
C ALA C 194 -11.75 17.65 4.63
N ILE C 195 -11.14 18.35 3.68
CA ILE C 195 -11.06 17.87 2.30
C ILE C 195 -9.61 17.98 1.85
N TRP C 196 -9.12 16.90 1.25
CA TRP C 196 -7.72 16.79 0.87
C TRP C 196 -7.59 16.47 -0.62
N ALA C 197 -6.55 17.01 -1.25
CA ALA C 197 -6.08 16.55 -2.56
C ALA C 197 -4.56 16.71 -2.64
N CYS C 198 -3.93 16.07 -3.62
CA CYS C 198 -2.47 16.16 -3.80
C CYS C 198 -2.06 17.42 -4.56
N TRP C 199 -3.05 18.19 -5.00
CA TRP C 199 -2.82 19.48 -5.64
C TRP C 199 -3.98 20.44 -5.35
N ASP C 200 -3.73 21.74 -5.50
CA ASP C 200 -4.67 22.74 -4.98
C ASP C 200 -5.83 23.13 -5.91
N VAL C 201 -5.66 22.98 -7.22
CA VAL C 201 -6.69 23.34 -8.21
C VAL C 201 -8.08 22.74 -7.90
N PRO C 202 -8.17 21.40 -7.64
CA PRO C 202 -9.47 20.91 -7.19
C PRO C 202 -9.94 21.43 -5.82
N MET C 203 -9.02 21.94 -5.00
CA MET C 203 -9.44 22.51 -3.70
C MET C 203 -10.01 23.93 -3.83
N ILE C 204 -9.79 24.56 -4.98
CA ILE C 204 -10.49 25.82 -5.30
C ILE C 204 -12.01 25.59 -5.42
N GLY C 205 -12.37 24.58 -6.22
CA GLY C 205 -13.75 24.20 -6.45
C GLY C 205 -14.44 23.71 -5.19
N ALA C 206 -13.73 22.92 -4.39
CA ALA C 206 -14.25 22.37 -3.13
C ALA C 206 -14.56 23.49 -2.13
N THR C 207 -13.65 24.46 -2.06
CA THR C 207 -13.81 25.65 -1.23
C THR C 207 -15.03 26.47 -1.68
N GLN C 208 -15.19 26.67 -2.99
CA GLN C 208 -16.33 27.40 -3.53
C GLN C 208 -17.63 26.69 -3.16
N ALA C 209 -17.66 25.37 -3.37
CA ALA C 209 -18.81 24.52 -3.00
C ALA C 209 -19.23 24.64 -1.53
N LEU C 210 -18.25 24.62 -0.63
CA LEU C 210 -18.53 24.75 0.82
C LEU C 210 -19.01 26.15 1.20
N GLN C 211 -18.46 27.15 0.51
CA GLN C 211 -18.83 28.53 0.74
C GLN C 211 -20.28 28.77 0.32
N ALA C 212 -20.66 28.21 -0.83
CA ALA C 212 -22.04 28.21 -1.32
C ALA C 212 -23.03 27.49 -0.38
N ALA C 213 -22.54 26.45 0.29
CA ALA C 213 -23.37 25.70 1.25
C ALA C 213 -23.49 26.41 2.59
N GLY C 214 -22.65 27.43 2.80
CA GLY C 214 -22.61 28.15 4.07
C GLY C 214 -22.01 27.32 5.19
N ARG C 215 -21.20 26.31 4.81
CA ARG C 215 -20.52 25.43 5.77
C ARG C 215 -19.22 26.06 6.21
N THR C 216 -19.07 26.21 7.53
CA THR C 216 -17.93 26.89 8.10
C THR C 216 -17.13 25.94 9.02
N ASP C 217 -17.56 24.69 9.09
CA ASP C 217 -16.96 23.66 9.94
C ASP C 217 -16.05 22.69 9.18
N ILE C 218 -15.89 22.92 7.87
CA ILE C 218 -15.05 22.07 7.03
C ILE C 218 -13.94 22.91 6.39
N ARG C 219 -12.71 22.37 6.40
CA ARG C 219 -11.56 23.03 5.80
CA ARG C 219 -11.58 23.04 5.78
C ARG C 219 -10.96 22.25 4.63
N THR C 220 -10.28 22.94 3.73
CA THR C 220 -9.66 22.29 2.56
C THR C 220 -8.14 22.40 2.55
N TYR C 221 -7.47 21.36 2.03
CA TYR C 221 -6.02 21.20 2.11
C TYR C 221 -5.47 20.64 0.80
N GLY C 222 -4.51 21.34 0.21
CA GLY C 222 -3.90 20.92 -1.04
C GLY C 222 -2.46 21.37 -1.17
N VAL C 223 -1.87 21.13 -2.34
CA VAL C 223 -0.45 21.40 -2.58
C VAL C 223 -0.32 22.20 -3.89
N ASP C 224 0.63 23.15 -3.91
CA ASP C 224 1.16 23.87 -5.11
C ASP C 224 1.39 25.34 -4.83
N GLY C 225 0.40 25.96 -4.19
CA GLY C 225 0.45 27.38 -3.89
C GLY C 225 0.05 28.25 -5.06
N SER C 226 -1.00 27.82 -5.78
CA SER C 226 -1.55 28.58 -6.89
C SER C 226 -2.19 29.86 -6.34
N PRO C 227 -2.00 31.00 -7.04
CA PRO C 227 -2.43 32.34 -6.58
C PRO C 227 -3.85 32.44 -5.99
N GLU C 228 -4.82 31.81 -6.65
CA GLU C 228 -6.21 31.79 -6.17
C GLU C 228 -6.36 31.07 -4.83
N PHE C 229 -5.69 29.91 -4.68
CA PHE C 229 -5.82 29.14 -3.43
C PHE C 229 -5.03 29.74 -2.25
N VAL C 230 -3.91 30.39 -2.53
CA VAL C 230 -3.16 31.12 -1.50
C VAL C 230 -4.00 32.27 -0.90
N GLU C 231 -4.75 32.94 -1.77
CA GLU C 231 -5.60 34.05 -1.36
C GLU C 231 -6.76 33.55 -0.51
N MET C 232 -7.32 32.40 -0.88
CA MET C 232 -8.39 31.76 -0.12
C MET C 232 -7.94 31.35 1.28
N VAL C 233 -6.71 30.85 1.39
CA VAL C 233 -6.13 30.43 2.68
C VAL C 233 -5.90 31.65 3.57
N ALA C 234 -5.48 32.77 2.96
CA ALA C 234 -5.28 34.04 3.64
C ALA C 234 -6.58 34.72 4.10
N ASP C 235 -7.69 34.44 3.43
CA ASP C 235 -8.99 35.05 3.74
C ASP C 235 -9.65 34.31 4.91
N PRO C 236 -9.84 35.01 6.05
CA PRO C 236 -10.38 34.40 7.27
C PRO C 236 -11.81 33.88 7.16
N GLU C 237 -12.57 34.43 6.22
CA GLU C 237 -13.95 33.98 5.98
C GLU C 237 -14.00 32.66 5.20
N SER C 238 -12.91 32.36 4.49
CA SER C 238 -12.86 31.24 3.57
C SER C 238 -12.51 29.90 4.22
N PRO C 239 -13.20 28.81 3.81
CA PRO C 239 -12.94 27.46 4.32
C PRO C 239 -11.54 26.90 4.01
N ALA C 240 -10.80 27.52 3.10
CA ALA C 240 -9.46 27.09 2.73
C ALA C 240 -8.47 27.09 3.90
N GLY C 241 -8.04 25.90 4.30
CA GLY C 241 -7.29 25.68 5.53
C GLY C 241 -5.78 25.83 5.47
N ALA C 242 -5.17 25.30 4.42
CA ALA C 242 -3.70 25.30 4.26
C ALA C 242 -3.27 24.82 2.88
N VAL C 243 -2.12 25.31 2.46
CA VAL C 243 -1.52 24.93 1.19
C VAL C 243 0.00 24.82 1.33
N ALA C 244 0.57 23.78 0.74
CA ALA C 244 2.01 23.67 0.64
C ALA C 244 2.49 24.38 -0.62
N ALA C 245 3.12 25.53 -0.43
CA ALA C 245 3.51 26.40 -1.53
C ALA C 245 4.83 25.96 -2.13
N GLN C 246 4.75 25.42 -3.33
CA GLN C 246 5.92 24.97 -4.08
C GLN C 246 6.49 26.11 -4.91
N GLN C 247 7.68 25.87 -5.46
CA GLN C 247 8.37 26.84 -6.31
C GLN C 247 8.65 26.29 -7.73
N PRO C 248 7.62 26.29 -8.60
CA PRO C 248 7.78 25.69 -9.93
C PRO C 248 8.79 26.37 -10.87
N SER C 249 8.96 27.69 -10.76
CA SER C 249 9.99 28.41 -11.53
C SER C 249 11.42 28.02 -11.14
N GLU C 250 11.62 27.70 -9.87
CA GLU C 250 12.91 27.21 -9.38
C GLU C 250 13.22 25.85 -9.92
N ILE C 251 12.26 24.95 -9.74
CA ILE C 251 12.32 23.56 -10.18
C ILE C 251 12.74 23.44 -11.65
N GLY C 252 12.10 24.24 -12.52
CA GLY C 252 12.43 24.27 -13.93
C GLY C 252 13.86 24.72 -14.20
N LYS C 253 14.26 25.81 -13.52
CA LYS C 253 15.62 26.36 -13.60
C LYS C 253 16.69 25.38 -13.11
N LEU C 254 16.37 24.67 -12.03
CA LEU C 254 17.31 23.69 -11.42
C LEU C 254 17.44 22.40 -12.23
N ALA C 255 16.36 21.98 -12.89
CA ALA C 255 16.40 20.81 -13.75
C ALA C 255 17.40 21.02 -14.90
N VAL C 256 17.31 22.18 -15.55
CA VAL C 256 18.21 22.57 -16.64
C VAL C 256 19.65 22.76 -16.14
N GLN C 257 19.79 23.21 -14.91
CA GLN C 257 21.07 23.35 -14.25
C GLN C 257 21.78 22.01 -14.14
N ASN C 258 21.00 20.97 -13.82
CA ASN C 258 21.49 19.59 -13.74
C ASN C 258 21.86 19.02 -15.10
N VAL C 259 21.14 19.44 -16.14
CA VAL C 259 21.47 19.09 -17.51
C VAL C 259 22.80 19.73 -17.94
N ALA C 260 22.93 21.04 -17.69
CA ALA C 260 24.15 21.79 -18.01
C ALA C 260 25.40 21.25 -17.31
N ARG C 261 25.23 20.80 -16.07
CA ARG C 261 26.30 20.27 -15.25
C ARG C 261 26.78 18.94 -15.84
N HIS C 262 25.84 18.04 -16.09
CA HIS C 262 26.12 16.68 -16.58
C HIS C 262 26.81 16.68 -17.94
N LEU C 263 26.36 17.55 -18.85
CA LEU C 263 26.97 17.67 -20.17
C LEU C 263 28.38 18.27 -20.12
N ALA C 264 28.70 18.95 -19.02
CA ALA C 264 30.07 19.41 -18.79
C ALA C 264 30.93 18.32 -18.13
N GLY C 265 30.38 17.10 -18.04
CA GLY C 265 31.06 15.96 -17.42
C GLY C 265 31.22 16.09 -15.92
N GLN C 266 30.23 16.69 -15.27
CA GLN C 266 30.29 16.92 -13.83
C GLN C 266 29.36 16.00 -13.05
N GLU C 267 29.65 15.83 -11.77
CA GLU C 267 28.86 14.97 -10.88
C GLU C 267 27.52 15.59 -10.50
N VAL C 268 26.47 14.81 -10.71
CA VAL C 268 25.11 15.26 -10.53
C VAL C 268 24.42 14.33 -9.52
N LYS C 269 23.79 14.92 -8.51
CA LYS C 269 23.07 14.16 -7.48
C LYS C 269 21.84 13.48 -8.07
N PRO C 270 21.43 12.32 -7.52
CA PRO C 270 20.24 11.66 -8.10
C PRO C 270 18.97 12.49 -8.03
N PHE C 271 18.92 13.46 -7.11
CA PHE C 271 17.77 14.38 -6.98
C PHE C 271 18.15 15.78 -6.49
N THR C 272 17.29 16.76 -6.79
CA THR C 272 17.47 18.14 -6.34
C THR C 272 16.14 18.66 -5.82
N PHE C 273 16.18 19.36 -4.69
CA PHE C 273 15.00 19.92 -4.08
C PHE C 273 15.02 21.44 -4.16
N ALA C 274 13.90 22.01 -4.60
CA ALA C 274 13.60 23.41 -4.36
C ALA C 274 12.78 23.44 -3.07
N PRO C 275 12.94 24.51 -2.25
CA PRO C 275 12.15 24.59 -1.01
C PRO C 275 10.65 24.83 -1.21
N ALA C 276 9.90 24.52 -0.16
CA ALA C 276 8.46 24.70 -0.09
C ALA C 276 8.08 25.14 1.33
N VAL C 277 6.98 25.87 1.45
CA VAL C 277 6.51 26.34 2.75
C VAL C 277 5.08 25.87 2.95
N LEU C 278 4.76 25.45 4.16
CA LEU C 278 3.36 25.24 4.52
C LEU C 278 2.75 26.59 4.95
N ILE C 279 1.73 27.03 4.22
CA ILE C 279 0.99 28.24 4.57
C ILE C 279 -0.37 27.87 5.16
N THR C 280 -0.60 28.25 6.41
CA THR C 280 -1.88 28.01 7.08
C THR C 280 -2.63 29.35 7.25
N LYS C 281 -3.84 29.26 7.81
CA LYS C 281 -4.70 30.44 8.01
C LYS C 281 -4.14 31.51 8.96
N GLU C 282 -3.30 31.09 9.90
CA GLU C 282 -2.66 32.03 10.81
C GLU C 282 -1.28 32.45 10.31
N ASN C 283 -0.61 31.52 9.63
CA ASN C 283 0.74 31.65 9.08
C ASN C 283 1.02 32.97 8.34
N SER D 2 -0.65 29.03 35.17
CA SER D 2 0.34 28.43 36.09
C SER D 2 -0.23 27.21 36.83
N LEU D 3 0.60 26.56 37.64
CA LEU D 3 0.22 25.32 38.33
C LEU D 3 0.20 25.51 39.86
N GLU D 4 -0.33 26.65 40.31
CA GLU D 4 -0.10 27.14 41.68
C GLU D 4 -0.44 26.19 42.84
N GLY D 5 -1.53 25.44 42.71
CA GLY D 5 -1.88 24.45 43.72
C GLY D 5 -1.87 23.04 43.18
N LYS D 6 -1.02 22.81 42.17
CA LYS D 6 -1.10 21.60 41.35
C LYS D 6 0.09 20.64 41.46
N THR D 7 -0.21 19.34 41.41
CA THR D 7 0.80 18.28 41.46
C THR D 7 0.85 17.50 40.15
N ILE D 8 2.04 17.44 39.52
CA ILE D 8 2.20 16.74 38.24
C ILE D 8 3.24 15.62 38.36
N GLY D 9 2.78 14.38 38.15
CA GLY D 9 3.66 13.22 38.07
C GLY D 9 4.36 13.10 36.73
N ILE D 10 5.62 12.69 36.76
CA ILE D 10 6.39 12.43 35.54
C ILE D 10 6.96 11.00 35.60
N THR D 11 6.67 10.21 34.58
CA THR D 11 7.26 8.87 34.46
C THR D 11 8.07 8.73 33.16
N ALA D 12 9.38 8.62 33.31
CA ALA D 12 10.28 8.47 32.18
C ALA D 12 10.88 7.07 32.24
N ILE D 13 11.29 6.56 31.07
CA ILE D 13 11.92 5.25 31.02
C ILE D 13 13.36 5.29 31.55
N GLY D 14 14.06 6.40 31.29
CA GLY D 14 15.42 6.57 31.76
C GLY D 14 15.89 7.99 31.53
N THR D 15 17.00 8.36 32.16
CA THR D 15 17.69 9.61 31.90
C THR D 15 19.15 9.31 31.58
N ASP D 16 19.37 8.09 31.09
CA ASP D 16 20.68 7.49 30.85
C ASP D 16 21.58 8.24 29.87
N HIS D 17 20.99 8.99 28.94
CA HIS D 17 21.77 9.79 27.99
CA HIS D 17 21.77 9.80 27.99
C HIS D 17 21.23 11.22 27.83
N ASP D 18 22.03 12.06 27.16
CA ASP D 18 21.82 13.51 26.99
C ASP D 18 20.40 13.99 26.72
N TRP D 19 19.77 13.50 25.65
CA TRP D 19 18.42 13.90 25.26
C TRP D 19 17.41 13.66 26.37
N ASP D 20 17.39 12.43 26.89
CA ASP D 20 16.47 12.00 27.94
C ASP D 20 16.55 12.84 29.19
N LEU D 21 17.78 13.10 29.64
CA LEU D 21 18.05 13.92 30.81
C LEU D 21 17.59 15.37 30.60
N LYS D 22 17.96 15.95 29.47
CA LYS D 22 17.55 17.32 29.11
C LYS D 22 16.04 17.52 29.10
N ALA D 23 15.29 16.54 28.57
CA ALA D 23 13.84 16.64 28.51
C ALA D 23 13.20 16.46 29.88
N TYR D 24 13.77 15.56 30.67
CA TYR D 24 13.34 15.29 32.05
C TYR D 24 13.49 16.51 32.95
N GLN D 25 14.68 17.12 32.90
CA GLN D 25 14.98 18.31 33.68
C GLN D 25 14.12 19.50 33.29
N ALA D 26 13.88 19.65 31.98
CA ALA D 26 13.10 20.76 31.43
C ALA D 26 11.66 20.74 31.92
N GLN D 27 11.09 19.54 32.04
CA GLN D 27 9.77 19.39 32.61
C GLN D 27 9.77 19.84 34.07
N ILE D 28 10.62 19.23 34.88
CA ILE D 28 10.68 19.52 36.33
C ILE D 28 10.82 21.02 36.59
N ALA D 29 11.83 21.63 35.98
CA ALA D 29 12.07 23.07 36.06
C ALA D 29 10.81 23.89 35.76
N GLU D 30 10.17 23.62 34.64
CA GLU D 30 8.98 24.36 34.19
C GLU D 30 7.76 24.17 35.09
N ILE D 31 7.65 23.00 35.72
CA ILE D 31 6.60 22.76 36.70
C ILE D 31 6.80 23.69 37.88
N GLU D 32 8.02 23.69 38.42
CA GLU D 32 8.38 24.52 39.57
C GLU D 32 8.35 26.01 39.24
N ARG D 33 8.71 26.35 38.00
CA ARG D 33 8.65 27.73 37.52
C ARG D 33 7.22 28.27 37.45
N LEU D 34 6.25 27.37 37.30
CA LEU D 34 4.85 27.76 37.29
C LEU D 34 4.16 27.43 38.62
N GLY D 35 4.96 27.26 39.67
CA GLY D 35 4.45 27.16 41.04
C GLY D 35 3.80 25.86 41.44
N GLY D 36 4.14 24.79 40.74
CA GLY D 36 3.61 23.46 41.06
C GLY D 36 4.67 22.55 41.63
N THR D 37 4.24 21.43 42.20
CA THR D 37 5.18 20.43 42.70
C THR D 37 5.39 19.33 41.66
N ALA D 38 6.64 19.12 41.31
CA ALA D 38 7.03 18.09 40.37
C ALA D 38 7.34 16.82 41.14
N ILE D 39 6.62 15.76 40.83
CA ILE D 39 6.90 14.46 41.45
C ILE D 39 7.35 13.48 40.36
N ALA D 40 8.66 13.42 40.16
CA ALA D 40 9.25 12.82 38.95
C ALA D 40 10.00 11.52 39.20
N LEU D 41 9.69 10.51 38.38
CA LEU D 41 10.21 9.16 38.50
C LEU D 41 10.96 8.69 37.25
N ASP D 42 12.10 8.04 37.48
CA ASP D 42 13.02 7.56 36.45
C ASP D 42 13.03 6.04 36.57
N ALA D 43 12.73 5.35 35.48
CA ALA D 43 12.62 3.89 35.52
C ALA D 43 13.92 3.13 35.34
N GLY D 44 15.01 3.85 35.07
CA GLY D 44 16.35 3.27 34.98
C GLY D 44 16.55 2.32 33.82
N ARG D 45 15.81 2.57 32.73
CA ARG D 45 15.82 1.77 31.50
C ARG D 45 15.30 0.35 31.67
N ASN D 46 14.40 0.19 32.64
CA ASN D 46 13.75 -1.07 32.93
C ASN D 46 12.25 -0.89 32.76
N ASP D 47 11.67 -1.71 31.88
CA ASP D 47 10.25 -1.63 31.53
C ASP D 47 9.35 -1.97 32.71
N GLN D 48 9.76 -2.97 33.49
CA GLN D 48 8.99 -3.46 34.63
C GLN D 48 8.93 -2.44 35.77
N THR D 49 10.03 -1.70 35.96
CA THR D 49 10.09 -0.58 36.90
C THR D 49 9.09 0.53 36.54
N GLN D 50 9.07 0.92 35.26
CA GLN D 50 8.15 1.96 34.79
C GLN D 50 6.71 1.55 35.05
N VAL D 51 6.40 0.31 34.72
CA VAL D 51 5.09 -0.31 34.98
C VAL D 51 4.62 -0.08 36.43
N SER D 52 5.49 -0.35 37.41
CA SER D 52 5.15 -0.18 38.83
C SER D 52 5.19 1.28 39.29
N GLN D 53 6.01 2.09 38.62
CA GLN D 53 6.11 3.53 38.92
C GLN D 53 4.87 4.31 38.47
N ILE D 54 4.21 3.82 37.42
CA ILE D 54 2.95 4.36 36.97
C ILE D 54 1.84 4.05 38.00
N GLN D 55 1.82 2.82 38.50
CA GLN D 55 0.89 2.42 39.56
C GLN D 55 1.05 3.28 40.81
N THR D 56 2.31 3.48 41.20
CA THR D 56 2.71 4.40 42.27
C THR D 56 2.17 5.82 42.04
N LEU D 57 2.32 6.32 40.82
CA LEU D 57 1.76 7.61 40.41
C LEU D 57 0.24 7.66 40.47
N ILE D 58 -0.42 6.62 39.96
CA ILE D 58 -1.89 6.50 39.98
C ILE D 58 -2.45 6.52 41.40
N ALA D 59 -1.82 5.77 42.30
CA ALA D 59 -2.20 5.70 43.71
C ALA D 59 -2.07 7.03 44.45
N GLN D 60 -1.19 7.89 43.94
CA GLN D 60 -1.03 9.25 44.50
C GLN D 60 -2.05 10.24 43.99
N LYS D 61 -2.74 9.88 42.89
CA LYS D 61 -3.70 10.76 42.20
C LYS D 61 -3.21 12.19 41.98
N PRO D 62 -2.28 12.40 41.04
CA PRO D 62 -1.85 13.77 40.76
C PRO D 62 -2.85 14.44 39.84
N ASP D 63 -2.62 15.73 39.57
CA ASP D 63 -3.50 16.48 38.68
C ASP D 63 -3.30 16.07 37.21
N ALA D 64 -2.06 15.73 36.86
CA ALA D 64 -1.75 15.15 35.56
C ALA D 64 -0.54 14.23 35.66
N ILE D 65 -0.33 13.43 34.62
CA ILE D 65 0.85 12.59 34.49
C ILE D 65 1.46 12.81 33.11
N ILE D 66 2.76 13.14 33.09
CA ILE D 66 3.53 13.20 31.85
C ILE D 66 4.38 11.92 31.70
N GLU D 67 4.33 11.31 30.52
CA GLU D 67 5.05 10.08 30.28
C GLU D 67 6.06 10.28 29.15
N GLN D 68 7.32 9.94 29.42
CA GLN D 68 8.40 10.20 28.48
C GLN D 68 9.03 8.91 27.96
N LEU D 69 8.93 8.72 26.63
CA LEU D 69 9.49 7.59 25.89
C LEU D 69 9.03 6.20 26.38
N GLY D 70 9.79 5.16 26.03
CA GLY D 70 9.44 3.81 26.47
C GLY D 70 8.79 2.94 25.41
N ASN D 71 8.63 1.67 25.75
CA ASN D 71 8.01 0.68 24.87
C ASN D 71 6.50 0.75 25.00
N LEU D 72 5.85 1.21 23.93
CA LEU D 72 4.40 1.40 23.89
C LEU D 72 3.62 0.10 24.15
N ASP D 73 4.12 -1.01 23.61
CA ASP D 73 3.50 -2.34 23.75
C ASP D 73 3.33 -2.78 25.21
N VAL D 74 4.38 -2.58 26.01
CA VAL D 74 4.36 -2.88 27.45
C VAL D 74 3.55 -1.82 28.21
N LEU D 75 3.67 -0.57 27.77
CA LEU D 75 3.03 0.55 28.45
C LEU D 75 1.50 0.58 28.27
N ASN D 76 1.03 0.14 27.09
CA ASN D 76 -0.39 0.20 26.69
C ASN D 76 -1.48 -0.05 27.75
N PRO D 77 -1.45 -1.21 28.46
CA PRO D 77 -2.55 -1.46 29.42
C PRO D 77 -2.51 -0.58 30.68
N TRP D 78 -1.35 0.01 30.93
CA TRP D 78 -1.16 0.86 32.11
C TRP D 78 -1.54 2.30 31.84
N LEU D 79 -1.31 2.74 30.60
CA LEU D 79 -1.80 4.02 30.11
C LEU D 79 -3.34 4.03 30.11
N GLN D 80 -3.92 2.88 29.81
CA GLN D 80 -5.36 2.65 29.95
C GLN D 80 -5.80 2.86 31.40
N LYS D 81 -5.00 2.37 32.34
CA LYS D 81 -5.31 2.48 33.77
C LYS D 81 -5.14 3.89 34.36
N ILE D 82 -4.37 4.74 33.68
CA ILE D 82 -4.31 6.18 34.01
C ILE D 82 -5.64 6.84 33.68
N ASN D 83 -6.23 6.41 32.56
CA ASN D 83 -7.53 6.92 32.10
C ASN D 83 -8.69 6.44 32.95
N ASP D 84 -8.62 5.18 33.41
CA ASP D 84 -9.60 4.62 34.34
C ASP D 84 -9.63 5.43 35.63
N ALA D 85 -8.45 5.79 36.13
CA ALA D 85 -8.29 6.60 37.34
C ALA D 85 -8.71 8.07 37.19
N GLY D 86 -8.99 8.51 35.96
CA GLY D 86 -9.48 9.86 35.71
C GLY D 86 -8.41 10.94 35.75
N ILE D 87 -7.17 10.55 35.47
CA ILE D 87 -6.04 11.46 35.45
C ILE D 87 -5.67 11.80 34.01
N PRO D 88 -5.65 13.10 33.67
CA PRO D 88 -5.15 13.60 32.38
C PRO D 88 -3.75 13.08 32.05
N LEU D 89 -3.59 12.49 30.87
CA LEU D 89 -2.34 11.89 30.42
C LEU D 89 -1.70 12.69 29.28
N PHE D 90 -0.43 13.03 29.47
CA PHE D 90 0.34 13.80 28.52
C PHE D 90 1.61 13.02 28.24
N THR D 91 2.16 13.18 27.04
CA THR D 91 3.36 12.44 26.68
C THR D 91 4.45 13.32 26.07
N VAL D 92 5.69 12.91 26.32
CA VAL D 92 6.84 13.37 25.57
C VAL D 92 7.21 12.19 24.66
N ASP D 93 7.17 12.43 23.33
CA ASP D 93 7.57 11.46 22.30
C ASP D 93 6.67 10.23 22.11
N THR D 94 6.11 9.70 23.20
CA THR D 94 5.23 8.52 23.12
C THR D 94 3.92 8.88 22.44
N ALA D 95 3.86 8.65 21.12
CA ALA D 95 2.63 8.87 20.37
C ALA D 95 1.62 7.76 20.71
N THR D 96 0.53 8.15 21.36
CA THR D 96 -0.50 7.21 21.83
C THR D 96 -1.89 7.87 21.89
N PRO D 97 -2.94 7.14 21.46
CA PRO D 97 -4.33 7.57 21.66
C PRO D 97 -4.70 7.78 23.12
N HIS D 98 -4.00 7.11 24.04
CA HIS D 98 -4.25 7.25 25.48
C HIS D 98 -3.89 8.63 26.05
N ALA D 99 -3.07 9.38 25.32
CA ALA D 99 -2.66 10.72 25.74
C ALA D 99 -3.69 11.77 25.33
N ILE D 100 -3.67 12.91 26.02
CA ILE D 100 -4.43 14.06 25.57
C ILE D 100 -3.59 14.78 24.51
N ASN D 101 -2.31 14.96 24.82
CA ASN D 101 -1.41 15.67 23.96
C ASN D 101 -0.07 14.96 23.93
N ASN D 102 0.59 14.99 22.76
CA ASN D 102 1.94 14.46 22.61
C ASN D 102 2.90 15.55 22.16
N THR D 103 3.89 15.86 22.99
CA THR D 103 4.91 16.84 22.63
C THR D 103 6.20 16.15 22.18
N THR D 104 6.65 16.50 20.98
CA THR D 104 7.67 15.74 20.26
C THR D 104 8.25 16.64 19.16
N SER D 105 9.02 16.07 18.24
CA SER D 105 9.44 16.78 17.03
C SER D 105 8.73 16.17 15.83
N ASN D 106 8.83 16.82 14.68
CA ASN D 106 8.30 16.22 13.46
C ASN D 106 9.21 15.10 12.96
N ASN D 107 8.93 13.89 13.42
CA ASN D 107 9.76 12.74 13.11
C ASN D 107 9.48 12.13 11.75
N TYR D 108 8.36 12.53 11.15
CA TYR D 108 8.04 12.19 9.76
C TYR D 108 9.02 12.92 8.85
N SER D 109 9.16 14.24 9.08
CA SER D 109 10.09 15.10 8.36
C SER D 109 11.55 14.79 8.68
N ILE D 110 11.89 14.72 9.96
CA ILE D 110 13.19 14.24 10.41
C ILE D 110 13.55 12.92 9.71
N GLY D 111 12.68 11.91 9.86
CA GLY D 111 12.92 10.57 9.35
C GLY D 111 13.16 10.57 7.86
N ALA D 112 12.28 11.26 7.10
CA ALA D 112 12.42 11.40 5.65
C ALA D 112 13.71 12.10 5.24
N GLU D 113 13.95 13.28 5.80
CA GLU D 113 15.09 14.13 5.43
C GLU D 113 16.44 13.49 5.72
N LEU D 114 16.52 12.73 6.81
CA LEU D 114 17.74 11.99 7.16
C LEU D 114 18.08 10.95 6.09
N ALA D 115 17.10 10.13 5.75
CA ALA D 115 17.21 9.14 4.68
C ALA D 115 17.61 9.75 3.34
N LEU D 116 16.94 10.84 2.97
CA LEU D 116 17.24 11.56 1.72
C LEU D 116 18.68 12.08 1.66
N GLN D 117 19.20 12.60 2.77
CA GLN D 117 20.60 13.04 2.82
C GLN D 117 21.55 11.86 2.59
N MET D 118 21.23 10.75 3.24
CA MET D 118 21.99 9.51 3.15
C MET D 118 22.04 8.99 1.71
N VAL D 119 20.93 9.04 0.98
CA VAL D 119 20.92 8.65 -0.44
C VAL D 119 21.69 9.63 -1.33
N ALA D 120 21.52 10.93 -1.07
CA ALA D 120 22.23 11.99 -1.80
C ALA D 120 23.74 11.89 -1.63
N ASP D 121 24.18 11.51 -0.43
CA ASP D 121 25.60 11.29 -0.15
C ASP D 121 26.13 10.03 -0.82
N LEU D 122 25.29 9.00 -0.87
CA LEU D 122 25.60 7.73 -1.57
C LEU D 122 25.64 7.85 -3.09
N GLY D 123 25.07 8.93 -3.62
CA GLY D 123 24.94 9.11 -5.07
C GLY D 123 23.91 8.18 -5.69
N GLY D 124 22.97 7.72 -4.87
CA GLY D 124 21.86 6.90 -5.36
C GLY D 124 22.13 5.42 -5.45
N LYS D 125 23.36 5.02 -5.14
CA LYS D 125 23.76 3.62 -5.17
C LYS D 125 24.63 3.32 -3.96
N GLY D 126 24.29 2.25 -3.25
CA GLY D 126 25.12 1.81 -2.13
C GLY D 126 24.36 0.92 -1.17
N ASN D 127 25.09 0.26 -0.29
CA ASN D 127 24.48 -0.58 0.74
C ASN D 127 24.53 0.08 2.10
N VAL D 128 23.48 -0.16 2.88
CA VAL D 128 23.27 0.50 4.15
C VAL D 128 23.18 -0.51 5.26
N LEU D 129 23.99 -0.27 6.30
CA LEU D 129 23.89 -0.99 7.56
C LEU D 129 22.89 -0.29 8.49
N VAL D 130 21.91 -1.05 8.96
CA VAL D 130 20.82 -0.48 9.74
C VAL D 130 20.78 -1.04 11.16
N PHE D 131 20.74 -0.13 12.12
CA PHE D 131 20.48 -0.47 13.52
C PHE D 131 19.01 -0.22 13.82
N ASN D 132 18.29 -1.28 14.15
CA ASN D 132 16.88 -1.20 14.49
C ASN D 132 16.54 -1.96 15.77
N GLY D 133 17.01 -1.46 16.91
CA GLY D 133 16.77 -2.11 18.20
C GLY D 133 15.63 -1.52 19.03
N PHE D 134 15.00 -0.46 18.53
CA PHE D 134 13.98 0.28 19.31
C PHE D 134 12.68 0.60 18.53
N TYR D 135 12.32 -0.27 17.59
CA TYR D 135 11.10 -0.13 16.81
C TYR D 135 9.81 -0.02 17.64
N SER D 136 9.81 -0.59 18.84
CA SER D 136 8.66 -0.49 19.76
C SER D 136 8.57 0.88 20.45
N VAL D 137 9.56 1.73 20.22
CA VAL D 137 9.48 3.13 20.59
C VAL D 137 8.95 3.88 19.35
N PRO D 138 7.68 4.39 19.42
CA PRO D 138 6.94 5.08 18.36
C PRO D 138 7.72 6.07 17.47
N VAL D 139 8.61 6.88 18.06
CA VAL D 139 9.41 7.80 17.25
C VAL D 139 10.46 7.08 16.40
N CYS D 140 10.96 5.95 16.89
CA CYS D 140 11.94 5.18 16.14
C CYS D 140 11.24 4.38 15.06
N LYS D 141 10.02 3.94 15.37
CA LYS D 141 9.11 3.36 14.38
C LYS D 141 8.91 4.30 13.18
N ILE D 142 8.58 5.56 13.44
CA ILE D 142 8.35 6.56 12.39
C ILE D 142 9.61 6.77 11.56
N ARG D 143 10.72 6.93 12.25
CA ARG D 143 12.02 7.17 11.60
C ARG D 143 12.46 6.03 10.69
N TYR D 144 12.22 4.80 11.12
CA TYR D 144 12.51 3.61 10.34
C TYR D 144 11.63 3.53 9.11
N ASP D 145 10.31 3.56 9.33
CA ASP D 145 9.31 3.52 8.26
C ASP D 145 9.51 4.61 7.20
N GLN D 146 9.88 5.82 7.62
CA GLN D 146 10.19 6.89 6.68
C GLN D 146 11.45 6.61 5.86
N MET D 147 12.47 6.07 6.50
CA MET D 147 13.70 5.74 5.76
C MET D 147 13.50 4.57 4.81
N LYS D 148 12.65 3.62 5.23
CA LYS D 148 12.28 2.47 4.42
C LYS D 148 11.47 2.92 3.21
N TYR D 149 10.55 3.86 3.43
CA TYR D 149 9.72 4.38 2.35
C TYR D 149 10.55 5.14 1.31
N VAL D 150 11.43 6.03 1.78
CA VAL D 150 12.37 6.74 0.92
C VAL D 150 13.20 5.78 0.08
N LEU D 151 13.63 4.68 0.70
CA LEU D 151 14.53 3.73 0.04
C LEU D 151 13.90 2.93 -1.09
N GLU D 152 12.58 2.82 -1.07
CA GLU D 152 11.82 2.18 -2.16
C GLU D 152 12.02 2.88 -3.52
N ALA D 153 12.14 4.20 -3.50
CA ALA D 153 12.35 4.97 -4.73
C ALA D 153 13.77 4.82 -5.29
N PHE D 154 14.62 4.08 -4.57
CA PHE D 154 16.00 3.86 -4.95
C PHE D 154 16.35 2.37 -4.93
N PRO D 155 16.15 1.66 -6.06
CA PRO D 155 16.38 0.21 -6.19
C PRO D 155 17.84 -0.22 -6.10
N ASP D 156 18.77 0.70 -6.33
CA ASP D 156 20.21 0.43 -6.18
C ASP D 156 20.72 0.70 -4.76
N VAL D 157 19.84 1.11 -3.86
CA VAL D 157 20.18 1.29 -2.45
C VAL D 157 19.47 0.21 -1.63
N LYS D 158 20.26 -0.74 -1.09
CA LYS D 158 19.71 -1.89 -0.37
C LYS D 158 20.14 -1.87 1.09
N ILE D 159 19.35 -2.52 1.94
CA ILE D 159 19.70 -2.70 3.36
C ILE D 159 20.33 -4.08 3.60
N ILE D 160 21.51 -4.07 4.22
CA ILE D 160 22.26 -5.29 4.53
C ILE D 160 21.50 -6.17 5.53
N GLU D 161 21.33 -7.44 5.17
CA GLU D 161 20.81 -8.41 6.12
C GLU D 161 21.98 -8.98 6.93
N PRO D 162 21.78 -9.18 8.24
CA PRO D 162 20.58 -8.81 8.98
C PRO D 162 20.65 -7.35 9.49
N GLU D 163 19.56 -6.89 10.10
CA GLU D 163 19.63 -5.63 10.82
C GLU D 163 20.29 -5.88 12.16
N LEU D 164 21.00 -4.88 12.66
CA LEU D 164 21.69 -4.96 13.92
C LEU D 164 20.86 -4.31 15.00
N ARG D 165 21.02 -4.79 16.23
CA ARG D 165 20.34 -4.19 17.36
C ARG D 165 21.26 -3.20 18.06
N ASP D 166 20.83 -1.94 18.12
CA ASP D 166 21.40 -1.00 19.08
C ASP D 166 20.76 -1.27 20.44
N VAL D 167 21.55 -1.19 21.50
CA VAL D 167 21.08 -1.60 22.82
C VAL D 167 21.37 -0.54 23.86
N ILE D 168 20.69 -0.68 25.00
CA ILE D 168 20.96 0.07 26.22
C ILE D 168 21.00 -1.01 27.32
N PRO D 169 22.07 -1.05 28.15
CA PRO D 169 23.16 -0.07 28.18
C PRO D 169 24.33 -0.47 27.29
N ASN D 170 25.45 0.22 27.45
CA ASN D 170 26.69 -0.06 26.72
C ASN D 170 26.54 0.15 25.22
N THR D 171 25.80 1.20 24.89
CA THR D 171 25.38 1.51 23.52
C THR D 171 26.55 1.76 22.57
N ILE D 172 27.42 2.71 22.93
CA ILE D 172 28.56 3.10 22.10
C ILE D 172 29.47 1.91 21.79
N GLN D 173 29.86 1.17 22.82
CA GLN D 173 30.77 0.04 22.63
C GLN D 173 30.16 -1.13 21.85
N SER D 174 28.88 -1.43 22.09
CA SER D 174 28.19 -2.50 21.37
C SER D 174 28.04 -2.19 19.88
N ALA D 175 27.76 -0.92 19.58
CA ALA D 175 27.63 -0.47 18.20
C ALA D 175 28.99 -0.42 17.47
N TYR D 176 30.05 -0.07 18.20
CA TYR D 176 31.44 -0.08 17.71
C TYR D 176 31.83 -1.51 17.33
N SER D 177 31.51 -2.46 18.19
CA SER D 177 31.84 -3.88 17.99
C SER D 177 31.13 -4.49 16.79
N ASN D 178 29.83 -4.23 16.67
CA ASN D 178 29.00 -4.74 15.57
C ASN D 178 29.47 -4.24 14.20
N VAL D 179 29.87 -2.97 14.14
CA VAL D 179 30.38 -2.36 12.92
C VAL D 179 31.71 -3.00 12.50
N THR D 180 32.59 -3.19 13.48
CA THR D 180 33.86 -3.89 13.29
C THR D 180 33.69 -5.31 12.69
N ASP D 181 32.75 -6.07 13.26
CA ASP D 181 32.45 -7.42 12.79
C ASP D 181 31.85 -7.40 11.39
N MET D 182 31.09 -6.36 11.09
CA MET D 182 30.47 -6.22 9.79
C MET D 182 31.47 -5.75 8.73
N LEU D 183 32.48 -4.99 9.16
CA LEU D 183 33.58 -4.59 8.28
C LEU D 183 34.52 -5.74 7.93
N THR D 184 34.65 -6.69 8.87
CA THR D 184 35.35 -7.96 8.62
C THR D 184 34.61 -8.74 7.53
N LYS D 185 33.29 -8.85 7.69
CA LYS D 185 32.41 -9.52 6.74
C LYS D 185 32.41 -8.86 5.35
N TYR D 186 32.47 -7.53 5.31
CA TYR D 186 32.41 -6.78 4.05
C TYR D 186 33.61 -5.82 3.90
N PRO D 187 34.80 -6.36 3.58
CA PRO D 187 36.05 -5.60 3.64
C PRO D 187 36.26 -4.55 2.53
N ASN D 188 35.95 -4.88 1.28
CA ASN D 188 36.30 -3.98 0.16
C ASN D 188 35.29 -2.86 -0.09
N GLU D 189 35.72 -1.89 -0.90
CA GLU D 189 34.99 -0.63 -1.12
C GLU D 189 33.75 -0.87 -1.97
N GLY D 190 32.64 -0.26 -1.53
CA GLY D 190 31.37 -0.42 -2.21
C GLY D 190 30.45 -1.41 -1.54
N ASP D 191 31.02 -2.30 -0.71
CA ASP D 191 30.27 -3.33 0.01
C ASP D 191 29.31 -2.77 1.05
N VAL D 192 29.75 -1.72 1.75
CA VAL D 192 28.89 -0.97 2.66
C VAL D 192 29.23 0.51 2.51
N GLY D 193 28.19 1.35 2.40
CA GLY D 193 28.38 2.77 2.11
C GLY D 193 27.87 3.73 3.16
N ALA D 194 26.97 3.25 4.02
CA ALA D 194 26.34 4.08 5.04
C ALA D 194 25.78 3.28 6.22
N ILE D 195 25.64 3.95 7.37
CA ILE D 195 25.09 3.34 8.58
C ILE D 195 24.00 4.25 9.14
N TRP D 196 22.89 3.64 9.55
CA TRP D 196 21.72 4.38 10.01
C TRP D 196 21.24 3.83 11.36
N ALA D 197 20.82 4.75 12.22
CA ALA D 197 20.09 4.43 13.44
C ALA D 197 19.06 5.53 13.65
N CYS D 198 18.05 5.24 14.48
CA CYS D 198 16.98 6.21 14.75
C CYS D 198 17.39 7.20 15.86
N TRP D 199 18.54 6.98 16.48
CA TRP D 199 19.13 7.91 17.46
C TRP D 199 20.64 7.88 17.34
N ASP D 200 21.32 8.93 17.78
CA ASP D 200 22.74 9.14 17.42
C ASP D 200 23.84 8.53 18.33
N VAL D 201 23.49 8.23 19.58
CA VAL D 201 24.40 7.54 20.51
C VAL D 201 25.06 6.25 19.93
N PRO D 202 24.27 5.32 19.33
CA PRO D 202 25.01 4.22 18.67
C PRO D 202 25.85 4.63 17.43
N MET D 203 25.56 5.78 16.83
CA MET D 203 26.35 6.24 15.68
C MET D 203 27.68 6.87 16.09
N ILE D 204 27.79 7.26 17.36
CA ILE D 204 29.07 7.64 17.97
C ILE D 204 30.04 6.45 17.95
N GLY D 205 29.58 5.30 18.44
CA GLY D 205 30.35 4.07 18.43
C GLY D 205 30.69 3.64 17.02
N ALA D 206 29.69 3.69 16.14
CA ALA D 206 29.87 3.35 14.73
C ALA D 206 30.90 4.24 14.02
N THR D 207 30.91 5.53 14.35
CA THR D 207 31.88 6.47 13.75
C THR D 207 33.31 6.16 14.19
N GLN D 208 33.48 5.89 15.49
CA GLN D 208 34.77 5.53 16.08
C GLN D 208 35.35 4.28 15.44
N ALA D 209 34.51 3.25 15.31
CA ALA D 209 34.88 1.99 14.63
C ALA D 209 35.35 2.16 13.18
N LEU D 210 34.69 3.05 12.44
CA LEU D 210 35.11 3.34 11.07
C LEU D 210 36.40 4.12 11.04
N GLN D 211 36.59 4.98 12.04
CA GLN D 211 37.79 5.79 12.14
C GLN D 211 38.99 4.95 12.52
N ALA D 212 38.75 3.95 13.38
CA ALA D 212 39.77 2.98 13.78
C ALA D 212 40.16 2.10 12.61
N ALA D 213 39.18 1.78 11.77
CA ALA D 213 39.40 0.96 10.58
C ALA D 213 40.07 1.74 9.44
N GLY D 214 40.24 3.06 9.62
CA GLY D 214 40.83 3.94 8.62
C GLY D 214 39.96 4.06 7.38
N ARG D 215 38.65 4.01 7.59
CA ARG D 215 37.68 3.82 6.52
C ARG D 215 36.99 5.14 6.16
N THR D 216 37.36 5.69 5.01
CA THR D 216 36.96 7.04 4.63
C THR D 216 35.82 7.09 3.61
N ASP D 217 35.19 5.95 3.36
CA ASP D 217 34.16 5.82 2.33
C ASP D 217 32.77 5.44 2.87
N ILE D 218 32.62 5.44 4.19
CA ILE D 218 31.33 5.16 4.82
C ILE D 218 30.93 6.34 5.68
N ARG D 219 29.65 6.69 5.68
CA ARG D 219 29.15 7.79 6.50
C ARG D 219 28.06 7.31 7.45
N THR D 220 27.94 7.95 8.62
CA THR D 220 26.94 7.55 9.62
C THR D 220 25.84 8.61 9.83
N TYR D 221 24.63 8.14 10.13
CA TYR D 221 23.43 8.98 10.16
C TYR D 221 22.56 8.69 11.37
N GLY D 222 22.22 9.73 12.12
CA GLY D 222 21.39 9.56 13.31
C GLY D 222 20.55 10.76 13.68
N VAL D 223 19.66 10.57 14.66
CA VAL D 223 18.78 11.61 15.16
C VAL D 223 19.10 11.90 16.62
N ASP D 224 19.09 13.20 17.01
CA ASP D 224 19.07 13.72 18.40
C ASP D 224 19.80 15.04 18.53
N GLY D 225 21.03 15.07 18.04
CA GLY D 225 21.88 16.26 18.16
C GLY D 225 22.72 16.28 19.41
N SER D 226 23.10 15.11 19.92
CA SER D 226 23.94 15.00 21.10
C SER D 226 25.30 15.61 20.79
N PRO D 227 25.86 16.41 21.72
CA PRO D 227 27.01 17.29 21.44
C PRO D 227 28.23 16.58 20.84
N GLU D 228 28.49 15.36 21.29
CA GLU D 228 29.59 14.54 20.78
C GLU D 228 29.41 14.23 19.30
N PHE D 229 28.22 13.78 18.92
CA PHE D 229 27.96 13.42 17.53
C PHE D 229 27.87 14.63 16.60
N VAL D 230 27.44 15.78 17.12
CA VAL D 230 27.40 17.03 16.35
C VAL D 230 28.83 17.52 16.03
N GLU D 231 29.72 17.32 17.00
CA GLU D 231 31.12 17.63 16.86
C GLU D 231 31.76 16.78 15.76
N MET D 232 31.35 15.52 15.70
CA MET D 232 31.81 14.58 14.68
C MET D 232 31.31 14.98 13.28
N VAL D 233 30.02 15.31 13.17
CA VAL D 233 29.41 15.69 11.89
C VAL D 233 30.09 16.94 11.32
N ALA D 234 30.38 17.90 12.19
CA ALA D 234 31.07 19.15 11.83
C ALA D 234 32.53 18.94 11.43
N ASP D 235 33.20 17.99 12.10
CA ASP D 235 34.61 17.63 11.83
C ASP D 235 34.76 16.98 10.46
N PRO D 236 35.51 17.63 9.54
CA PRO D 236 35.69 17.12 8.18
C PRO D 236 36.52 15.83 8.06
N GLU D 237 37.15 15.41 9.15
CA GLU D 237 37.96 14.20 9.12
C GLU D 237 37.21 12.97 9.64
N SER D 238 36.09 13.19 10.32
CA SER D 238 35.32 12.07 10.85
C SER D 238 34.24 11.67 9.86
N PRO D 239 34.01 10.35 9.72
CA PRO D 239 32.99 9.81 8.83
C PRO D 239 31.52 10.01 9.26
N ALA D 240 31.27 10.79 10.31
CA ALA D 240 29.91 11.16 10.68
C ALA D 240 29.31 12.01 9.58
N GLY D 241 28.12 11.64 9.11
CA GLY D 241 27.55 12.22 7.90
C GLY D 241 26.51 13.32 8.08
N ALA D 242 25.51 13.05 8.92
CA ALA D 242 24.48 14.05 9.25
C ALA D 242 23.74 13.71 10.54
N VAL D 243 23.25 14.74 11.22
CA VAL D 243 22.47 14.55 12.44
C VAL D 243 21.24 15.46 12.42
N ALA D 244 20.08 14.86 12.72
CA ALA D 244 18.86 15.64 12.93
C ALA D 244 18.84 16.14 14.37
N ALA D 245 19.22 17.42 14.55
CA ALA D 245 19.36 18.05 15.85
C ALA D 245 18.02 18.46 16.46
N GLN D 246 17.68 17.86 17.60
CA GLN D 246 16.43 18.16 18.30
C GLN D 246 16.64 19.15 19.44
N GLN D 247 15.53 19.64 19.99
CA GLN D 247 15.56 20.51 21.16
C GLN D 247 14.82 19.86 22.32
N PRO D 248 15.49 18.96 23.07
CA PRO D 248 14.83 18.27 24.18
C PRO D 248 14.36 19.18 25.32
N SER D 249 15.09 20.26 25.59
CA SER D 249 14.74 21.24 26.63
C SER D 249 13.46 22.00 26.28
N GLU D 250 13.27 22.30 25.00
CA GLU D 250 12.04 22.97 24.55
C GLU D 250 10.86 22.03 24.62
N ILE D 251 11.08 20.78 24.23
CA ILE D 251 10.06 19.74 24.25
C ILE D 251 9.48 19.54 25.67
N GLY D 252 10.35 19.42 26.68
CA GLY D 252 9.91 19.26 28.06
C GLY D 252 9.13 20.45 28.60
N LYS D 253 9.56 21.65 28.18
CA LYS D 253 8.93 22.91 28.55
C LYS D 253 7.51 23.03 27.96
N LEU D 254 7.38 22.73 26.68
CA LEU D 254 6.09 22.75 25.98
C LEU D 254 5.12 21.68 26.48
N ALA D 255 5.66 20.53 26.87
CA ALA D 255 4.86 19.43 27.44
C ALA D 255 4.18 19.85 28.75
N VAL D 256 4.92 20.60 29.59
CA VAL D 256 4.41 21.17 30.84
C VAL D 256 3.47 22.35 30.56
N GLN D 257 3.86 23.20 29.61
CA GLN D 257 3.02 24.32 29.15
C GLN D 257 1.63 23.83 28.74
N ASN D 258 1.60 22.67 28.06
CA ASN D 258 0.36 22.02 27.63
C ASN D 258 -0.50 21.51 28.78
N VAL D 259 0.14 21.08 29.87
CA VAL D 259 -0.57 20.65 31.07
C VAL D 259 -1.25 21.84 31.74
N ALA D 260 -0.49 22.94 31.86
CA ALA D 260 -0.96 24.19 32.46
C ALA D 260 -2.21 24.73 31.75
N ARG D 261 -2.22 24.64 30.43
CA ARG D 261 -3.36 25.04 29.61
C ARG D 261 -4.59 24.19 29.90
N HIS D 262 -4.40 22.88 29.91
CA HIS D 262 -5.49 21.92 30.06
C HIS D 262 -6.18 22.02 31.41
N LEU D 263 -5.38 22.18 32.46
CA LEU D 263 -5.89 22.34 33.82
C LEU D 263 -6.56 23.70 34.03
N ALA D 264 -6.15 24.70 33.25
CA ALA D 264 -6.83 26.00 33.24
C ALA D 264 -8.03 26.01 32.28
N GLY D 265 -8.46 24.82 31.85
CA GLY D 265 -9.61 24.64 30.97
C GLY D 265 -9.48 25.27 29.59
N GLN D 266 -8.30 25.20 29.00
CA GLN D 266 -8.06 25.79 27.68
C GLN D 266 -7.97 24.76 26.54
N GLU D 267 -7.99 25.28 25.32
CA GLU D 267 -7.85 24.46 24.10
C GLU D 267 -6.42 23.96 23.94
N VAL D 268 -6.29 22.64 23.86
CA VAL D 268 -4.99 22.00 23.70
C VAL D 268 -5.02 21.20 22.40
N LYS D 269 -4.01 21.42 21.55
CA LYS D 269 -3.82 20.64 20.32
C LYS D 269 -3.47 19.18 20.63
N PRO D 270 -3.84 18.23 19.74
CA PRO D 270 -3.50 16.81 19.95
C PRO D 270 -1.99 16.50 20.00
N PHE D 271 -1.19 17.32 19.32
CA PHE D 271 0.27 17.26 19.38
C PHE D 271 0.91 18.66 19.38
N THR D 272 2.22 18.72 19.60
CA THR D 272 2.98 19.97 19.66
C THR D 272 4.39 19.69 19.18
N PHE D 273 4.90 20.52 18.28
CA PHE D 273 6.21 20.26 17.68
C PHE D 273 7.24 21.32 18.07
N ALA D 274 8.41 20.87 18.51
CA ALA D 274 9.55 21.75 18.63
C ALA D 274 10.32 21.59 17.32
N PRO D 275 10.83 22.71 16.76
CA PRO D 275 11.63 22.64 15.54
C PRO D 275 12.93 21.82 15.65
N ALA D 276 13.22 21.08 14.59
CA ALA D 276 14.47 20.33 14.46
C ALA D 276 15.18 20.77 13.19
N VAL D 277 16.51 20.65 13.19
CA VAL D 277 17.33 21.03 12.03
C VAL D 277 18.22 19.84 11.65
N LEU D 278 18.42 19.66 10.35
CA LEU D 278 19.34 18.66 9.85
C LEU D 278 20.71 19.29 9.62
N ILE D 279 21.67 18.89 10.45
CA ILE D 279 23.05 19.35 10.33
C ILE D 279 23.80 18.32 9.50
N THR D 280 24.39 18.77 8.39
CA THR D 280 25.22 17.91 7.56
C THR D 280 26.69 18.36 7.67
N LYS D 281 27.59 17.60 7.05
CA LYS D 281 29.02 17.91 7.04
C LYS D 281 29.32 19.23 6.35
N GLU D 282 28.50 19.58 5.36
CA GLU D 282 28.75 20.72 4.49
C GLU D 282 27.94 21.98 4.81
N ASN D 283 26.88 21.87 5.60
CA ASN D 283 26.10 23.07 5.96
C ASN D 283 26.62 23.89 7.16
O3 UNL E . -23.57 -9.22 -3.47
C5 UNL E . -23.74 -9.59 -2.28
OXT UNL E . -23.18 -10.57 -1.73
C4 UNL E . -24.69 -8.79 -1.43
C3 UNL E . -25.78 -8.21 -2.30
O2 UNL E . -26.54 -9.00 -2.83
C2 UNL E . -25.90 -6.73 -2.54
O1 UNL E . -27.03 -6.17 -1.85
C1 UNL E . -24.64 -5.98 -2.07
SG UNL E . -24.83 -4.19 -2.20
O3 UNL F . 6.68 -20.09 -8.39
C5 UNL F . 6.68 -20.27 -9.63
OXT UNL F . 5.64 -20.45 -10.31
C4 UNL F . 8.02 -20.30 -10.32
C3 UNL F . 9.12 -20.63 -9.33
O2 UNL F . 9.12 -21.73 -8.82
C2 UNL F . 10.21 -19.65 -8.99
O1 UNL F . 10.99 -19.37 -10.16
C1 UNL F . 9.64 -18.36 -8.39
SG UNL F . 10.90 -17.07 -8.29
O3 UNL G . 1.64 19.15 -7.90
C5 UNL G . 2.64 19.21 -8.65
OXT UNL G . 3.81 19.38 -8.23
C4 UNL G . 2.42 19.12 -10.13
C3 UNL G . 1.07 19.67 -10.50
O2 UNL G . 0.91 20.87 -10.42
C2 UNL G . -0.07 18.79 -10.96
O1 UNL G . 0.01 18.58 -12.38
C1 UNL G . -0.10 17.45 -10.21
SG UNL G . -1.00 16.14 -11.05
O3 UNL H . 13.78 11.61 20.39
C5 UNL H . 14.54 10.61 20.57
OXT UNL H . 15.35 10.19 19.71
C4 UNL H . 14.47 9.86 21.87
C3 UNL H . 15.86 9.39 22.27
O2 UNL H . 16.74 10.21 22.40
C2 UNL H . 16.16 7.94 22.51
O1 UNL H . 15.68 7.57 23.81
C1 UNL H . 15.55 7.03 21.43
SG UNL H . 15.26 5.34 22.00
#